data_7YDI
#
_entry.id   7YDI
#
_cell.length_a   1.00
_cell.length_b   1.00
_cell.length_c   1.00
_cell.angle_alpha   90.00
_cell.angle_beta   90.00
_cell.angle_gamma   90.00
#
_symmetry.space_group_name_H-M   'P 1'
#
loop_
_entity.id
_entity.type
_entity.pdbx_description
1 polymer 'Processed angiotensin-converting enzyme 2'
2 polymer 'Spike protein S1'
3 polymer 'Heavy chain of R1-32'
4 polymer 'Light chain of R1-32'
5 non-polymer 'ZINC ION'
6 non-polymer 2-acetamido-2-deoxy-beta-D-glucopyranose
#
loop_
_entity_poly.entity_id
_entity_poly.type
_entity_poly.pdbx_seq_one_letter_code
_entity_poly.pdbx_strand_id
1 'polypeptide(L)'
;STIEEQAKTFLDKFNHEAEDLFYQSSLASWNYNTNITEENVQNMNNAGDKWSAFLKEQSTLAQMYPLQEIQNLTVKLQLQ
ALQQNGSSVLSEDKSKRLNTILNTMSTIYSTGKVCNPDNPQECLLLEPGLNEIMANSLDYNERLWAWESWRSEVGKQLRP
LYEEYVVLKNEMARANHYEDYGDYWRGDYEVNGVDGYDYSRGQLIEDVEHTFEEIKPLYEHLHAYVRAKLMNAYPSYISP
IGCLPAHLLGDMWGRFWTNLYSLTVPFGQKPNIDVTDAMVDQAWDAQRIFKEAEKFFVSVGLPNMTQGFWENSMLTDPGN
VQKAVCHPTAWDLGKGDFRILMCTKVTMDDFLTAHHEMGHIQYDMAYAAQPFLLRNGANEGFHEAVGEIMSLSAATPKHL
KSIGLLSPDFQEDNETEINFLLKQALTIVGTLPFTYMLEKWRWMVFKGEIPKDQWMKKWWEMKREIVGVVEPVPHDETYC
DPASLFHVSNDYSFIRYYTRTLYQFQFQEALCQAAKHEGPLHKCDISNSTEAGQKLFNMLRLGKSEPWTLALENVVGAKN
MNVRPLLNYFEPLFTWLKDQNKNSFVGWSTDWSPYADPLVPR
;
A
2 'polypeptide(L)'
;NLCPFGEVFNATRFASVYAWNRKRISNCVADYSVLYNSASFSTFKCYGVSPTKLNDLCFTNVYADSFVIRGDEVRQIAPG
QTGKIADYNYKLPDDFTGCVIAWNSNNLDSKVGGNYNYLYRLFRKSNLKPFERDISTEIYQAGSTPCNGVEGFNCYFPLQ
SYGFQPTNGVGYQPYRVVVLSFELLHAPATVCG
;
E
3 'polypeptide(L)'
;EVQLVESGAEVKKPGSSVKVSCKASGGTFSSYAISWVRQAPGQGLEWMGGIIPILGIANYAQKFQGRVTITADKSTSTAY
MELSSLRSEDTAVYYCARENGYSGYGAAANFDLWGRGTLVTVSSASTKGPSVFPLAPSSKSTSGGTAALGCLVKDYFPEP
VTVSWNSGALTSGVHTFPAVLQSSGLYSLSSVVTVPSSSLGTQTYICNVNHKPSNTKVDKKVEPKSCD
;
H
4 'polypeptide(L)'
;QSVLTQPPSVSGAPGQRVTISCTGSSSNIGAGYDVHWYQQLPGTAPKLLIYGNSNRPSGVPDRFSGSKSGTSASLAITGL
QAEDEADYYCQSYDSSLSGSVFGGGTKLTVLGQPKAAPSVTLFPPSSEELQANKATLVCLISDFYPGAVTVAWKADSSPV
KAGVETTTPSKQSNNKYAASSYLSLTPEQWKSHRSYSCQVTHEGSTVEKTVAPT
;
L
#
# COMPACT_ATOMS: atom_id res chain seq x y z
N THR A 2 20.26 18.45 15.65
CA THR A 2 19.93 17.11 15.21
C THR A 2 18.42 16.85 15.29
N ILE A 3 17.71 17.77 15.95
CA ILE A 3 16.26 17.65 16.05
C ILE A 3 15.62 17.86 14.69
N GLU A 4 16.14 18.82 13.91
CA GLU A 4 15.51 19.17 12.64
C GLU A 4 15.61 18.04 11.62
N GLU A 5 16.73 17.30 11.62
CA GLU A 5 16.84 16.19 10.68
C GLU A 5 15.91 15.03 11.05
N GLN A 6 15.70 14.81 12.35
CA GLN A 6 14.68 13.86 12.78
C GLN A 6 13.29 14.32 12.35
N ALA A 7 13.04 15.62 12.42
CA ALA A 7 11.77 16.16 11.94
C ALA A 7 11.59 15.93 10.44
N LYS A 8 12.65 16.13 9.65
CA LYS A 8 12.56 15.89 8.21
C LYS A 8 12.31 14.43 7.90
N THR A 9 12.99 13.51 8.61
CA THR A 9 12.75 12.08 8.38
C THR A 9 11.32 11.69 8.74
N PHE A 10 10.83 12.21 9.87
CA PHE A 10 9.45 11.94 10.29
C PHE A 10 8.46 12.50 9.28
N LEU A 11 8.73 13.69 8.75
CA LEU A 11 7.84 14.29 7.77
C LEU A 11 7.85 13.52 6.46
N ASP A 12 9.00 12.99 6.05
CA ASP A 12 9.05 12.17 4.84
C ASP A 12 8.26 10.87 5.01
N LYS A 13 8.42 10.23 6.17
CA LYS A 13 7.63 9.03 6.45
C LYS A 13 6.14 9.33 6.44
N PHE A 14 5.75 10.43 7.09
CA PHE A 14 4.34 10.82 7.09
C PHE A 14 3.87 11.13 5.68
N ASN A 15 4.70 11.79 4.87
CA ASN A 15 4.32 12.11 3.50
C ASN A 15 4.01 10.86 2.70
N HIS A 16 4.89 9.85 2.78
CA HIS A 16 4.68 8.63 2.01
C HIS A 16 3.45 7.87 2.49
N GLU A 17 3.35 7.60 3.79
CA GLU A 17 2.23 6.81 4.29
C GLU A 17 0.90 7.56 4.14
N ALA A 18 0.91 8.88 4.37
CA ALA A 18 -0.30 9.67 4.21
C ALA A 18 -0.72 9.78 2.75
N GLU A 19 0.25 9.82 1.82
CA GLU A 19 -0.10 9.79 0.40
C GLU A 19 -0.80 8.49 0.04
N ASP A 20 -0.27 7.37 0.54
CA ASP A 20 -0.89 6.07 0.25
C ASP A 20 -2.30 6.00 0.84
N LEU A 21 -2.45 6.36 2.11
CA LEU A 21 -3.75 6.23 2.77
C LEU A 21 -4.76 7.24 2.21
N PHE A 22 -4.30 8.44 1.85
CA PHE A 22 -5.19 9.44 1.28
C PHE A 22 -5.65 9.02 -0.11
N TYR A 23 -4.76 8.40 -0.90
CA TYR A 23 -5.19 7.86 -2.18
C TYR A 23 -6.23 6.76 -2.00
N GLN A 24 -6.03 5.89 -1.00
CA GLN A 24 -7.01 4.83 -0.76
C GLN A 24 -8.36 5.40 -0.34
N SER A 25 -8.37 6.40 0.54
CA SER A 25 -9.63 7.00 0.98
C SER A 25 -10.32 7.75 -0.16
N SER A 26 -9.53 8.44 -1.01
CA SER A 26 -10.11 9.12 -2.15
C SER A 26 -10.69 8.13 -3.16
N LEU A 27 -10.02 6.98 -3.32
CA LEU A 27 -10.56 5.92 -4.17
C LEU A 27 -11.89 5.42 -3.63
N ALA A 28 -11.98 5.20 -2.32
CA ALA A 28 -13.24 4.77 -1.72
C ALA A 28 -14.34 5.83 -1.89
N SER A 29 -13.99 7.10 -1.71
CA SER A 29 -14.97 8.17 -1.86
C SER A 29 -15.47 8.27 -3.30
N TRP A 30 -14.56 8.14 -4.28
CA TRP A 30 -14.98 8.17 -5.68
C TRP A 30 -15.81 6.96 -6.04
N ASN A 31 -15.51 5.80 -5.45
CA ASN A 31 -16.34 4.62 -5.66
C ASN A 31 -17.75 4.84 -5.11
N TYR A 32 -17.84 5.52 -3.97
CA TYR A 32 -19.17 5.80 -3.40
C TYR A 32 -19.94 6.79 -4.25
N ASN A 33 -19.32 7.93 -4.60
CA ASN A 33 -20.06 9.03 -5.19
C ASN A 33 -20.52 8.78 -6.62
N THR A 34 -20.08 7.70 -7.25
CA THR A 34 -20.57 7.32 -8.57
C THR A 34 -21.40 6.05 -8.56
N ASN A 35 -21.24 5.21 -7.54
CA ASN A 35 -21.88 3.89 -7.48
C ASN A 35 -22.49 3.66 -6.10
N ILE A 36 -23.33 4.62 -5.65
CA ILE A 36 -23.88 4.66 -4.31
C ILE A 36 -24.54 3.34 -3.91
N THR A 37 -23.97 2.67 -2.91
CA THR A 37 -24.46 1.41 -2.39
C THR A 37 -23.90 1.29 -0.97
N GLU A 38 -24.47 0.37 -0.18
CA GLU A 38 -24.14 0.27 1.25
C GLU A 38 -22.66 -0.08 1.46
N GLU A 39 -22.12 -1.02 0.67
CA GLU A 39 -20.72 -1.40 0.86
C GLU A 39 -19.78 -0.26 0.50
N ASN A 40 -20.20 0.66 -0.37
CA ASN A 40 -19.41 1.86 -0.61
C ASN A 40 -19.36 2.75 0.63
N VAL A 41 -20.47 2.83 1.36
CA VAL A 41 -20.47 3.57 2.62
C VAL A 41 -19.56 2.89 3.63
N GLN A 42 -19.57 1.55 3.66
CA GLN A 42 -18.67 0.82 4.54
C GLN A 42 -17.20 1.08 4.18
N ASN A 43 -16.91 1.15 2.88
CA ASN A 43 -15.56 1.47 2.43
C ASN A 43 -15.15 2.87 2.87
N MET A 44 -16.05 3.85 2.74
CA MET A 44 -15.73 5.20 3.21
C MET A 44 -15.45 5.19 4.70
N ASN A 45 -16.29 4.47 5.47
CA ASN A 45 -16.15 4.47 6.92
C ASN A 45 -14.83 3.85 7.36
N ASN A 46 -14.45 2.71 6.78
CA ASN A 46 -13.21 2.08 7.20
C ASN A 46 -11.99 2.87 6.73
N ALA A 47 -12.04 3.43 5.51
CA ALA A 47 -10.93 4.25 5.03
C ALA A 47 -10.78 5.51 5.88
N GLY A 48 -11.89 6.14 6.26
CA GLY A 48 -11.82 7.30 7.12
C GLY A 48 -11.33 6.97 8.51
N ASP A 49 -11.71 5.81 9.04
CA ASP A 49 -11.19 5.39 10.34
C ASP A 49 -9.68 5.17 10.29
N LYS A 50 -9.19 4.52 9.23
CA LYS A 50 -7.74 4.35 9.09
C LYS A 50 -7.03 5.69 8.96
N TRP A 51 -7.59 6.60 8.15
CA TRP A 51 -6.99 7.92 7.99
C TRP A 51 -6.96 8.69 9.30
N SER A 52 -8.06 8.65 10.06
CA SER A 52 -8.14 9.37 11.32
C SER A 52 -7.18 8.79 12.35
N ALA A 53 -7.09 7.46 12.44
CA ALA A 53 -6.17 6.84 13.39
C ALA A 53 -4.72 7.15 13.05
N PHE A 54 -4.37 7.07 11.76
CA PHE A 54 -3.02 7.38 11.33
C PHE A 54 -2.67 8.84 11.63
N LEU A 55 -3.59 9.76 11.31
CA LEU A 55 -3.35 11.17 11.59
C LEU A 55 -3.24 11.43 13.09
N LYS A 56 -4.04 10.72 13.89
CA LYS A 56 -4.01 10.90 15.33
C LYS A 56 -2.65 10.49 15.91
N GLU A 57 -2.18 9.28 15.57
CA GLU A 57 -0.93 8.84 16.17
C GLU A 57 0.27 9.60 15.61
N GLN A 58 0.24 9.97 14.33
CA GLN A 58 1.32 10.78 13.78
C GLN A 58 1.33 12.18 14.39
N SER A 59 0.15 12.75 14.66
CA SER A 59 0.10 14.07 15.30
C SER A 59 0.57 14.00 16.74
N THR A 60 0.30 12.89 17.45
CA THR A 60 0.86 12.73 18.79
C THR A 60 2.39 12.65 18.75
N LEU A 61 2.93 11.88 17.80
CA LEU A 61 4.38 11.80 17.66
C LEU A 61 4.99 13.14 17.25
N ALA A 62 4.25 13.95 16.49
CA ALA A 62 4.74 15.28 16.14
C ALA A 62 4.68 16.24 17.31
N GLN A 63 3.58 16.19 18.09
CA GLN A 63 3.44 17.05 19.26
C GLN A 63 4.44 16.70 20.34
N MET A 64 4.95 15.46 20.34
CA MET A 64 6.05 15.11 21.25
C MET A 64 7.30 15.92 20.96
N TYR A 65 7.53 16.30 19.70
CA TYR A 65 8.69 17.11 19.36
C TYR A 65 8.53 18.53 19.91
N PRO A 66 9.64 19.17 20.28
CA PRO A 66 9.59 20.59 20.66
C PRO A 66 9.56 21.48 19.43
N LEU A 67 9.35 22.78 19.69
CA LEU A 67 9.17 23.75 18.62
C LEU A 67 10.10 24.96 18.72
N GLN A 68 11.03 24.97 19.66
CA GLN A 68 11.89 26.13 19.89
C GLN A 68 13.33 25.91 19.45
N GLU A 69 13.61 24.87 18.67
CA GLU A 69 14.95 24.59 18.19
C GLU A 69 15.03 24.46 16.68
N ILE A 70 13.94 24.72 15.96
CA ILE A 70 13.91 24.61 14.50
C ILE A 70 13.60 25.98 13.94
N GLN A 71 14.48 26.47 13.06
CA GLN A 71 14.25 27.76 12.43
C GLN A 71 13.84 27.55 10.98
N ASN A 72 13.85 26.29 10.53
CA ASN A 72 13.44 25.98 9.16
C ASN A 72 11.99 26.37 9.00
N LEU A 73 11.72 27.28 8.08
CA LEU A 73 10.35 27.75 7.90
C LEU A 73 9.42 26.65 7.43
N THR A 74 9.74 26.01 6.32
CA THR A 74 8.84 24.99 5.78
C THR A 74 8.63 23.87 6.80
N VAL A 75 9.71 23.44 7.45
CA VAL A 75 9.59 22.44 8.52
C VAL A 75 8.69 22.93 9.65
N LYS A 76 8.84 24.21 10.03
CA LYS A 76 7.98 24.76 11.07
C LYS A 76 6.52 24.78 10.63
N LEU A 77 6.26 25.14 9.38
CA LEU A 77 4.89 25.15 8.87
C LEU A 77 4.30 23.76 8.84
N GLN A 78 5.10 22.76 8.43
CA GLN A 78 4.63 21.38 8.40
C GLN A 78 4.34 20.87 9.82
N LEU A 79 5.19 21.23 10.78
CA LEU A 79 4.94 20.84 12.17
C LEU A 79 3.68 21.51 12.70
N GLN A 80 3.48 22.79 12.39
CA GLN A 80 2.30 23.51 12.87
C GLN A 80 1.02 22.94 12.25
N ALA A 81 1.05 22.62 10.96
CA ALA A 81 -0.12 22.05 10.30
C ALA A 81 -0.29 20.56 10.56
N LEU A 82 0.71 19.91 11.14
CA LEU A 82 0.60 18.50 11.53
C LEU A 82 0.22 18.31 12.99
N GLN A 83 0.73 19.16 13.88
CA GLN A 83 0.40 19.09 15.30
C GLN A 83 -0.99 19.69 15.51
N GLN A 84 -2.00 18.91 15.14
CA GLN A 84 -3.39 19.31 15.30
C GLN A 84 -4.15 18.16 15.94
N ASN A 85 -4.94 18.47 16.98
CA ASN A 85 -5.74 17.49 17.68
C ASN A 85 -7.24 17.70 17.51
N GLY A 86 -7.69 18.95 17.55
CA GLY A 86 -9.10 19.25 17.40
C GLY A 86 -9.94 18.78 18.55
N SER A 87 -10.89 17.87 18.27
CA SER A 87 -11.77 17.34 19.30
C SER A 87 -11.13 16.22 20.11
N SER A 88 -9.94 15.77 19.75
CA SER A 88 -9.25 14.70 20.47
C SER A 88 -8.45 15.20 21.67
N VAL A 89 -8.37 16.52 21.87
CA VAL A 89 -7.64 17.04 23.03
C VAL A 89 -8.42 16.79 24.32
N LEU A 90 -9.74 16.65 24.23
CA LEU A 90 -10.57 16.36 25.38
C LEU A 90 -10.65 14.85 25.60
N SER A 91 -11.55 14.42 26.47
CA SER A 91 -11.73 13.01 26.77
C SER A 91 -12.54 12.34 25.65
N GLU A 92 -12.66 11.00 25.76
CA GLU A 92 -13.35 10.24 24.73
C GLU A 92 -14.84 10.53 24.73
N ASP A 93 -15.44 10.64 25.93
CA ASP A 93 -16.88 10.89 26.02
C ASP A 93 -17.24 12.27 25.48
N LYS A 94 -16.41 13.28 25.76
CA LYS A 94 -16.69 14.62 25.26
C LYS A 94 -16.55 14.69 23.74
N SER A 95 -15.55 14.01 23.19
CA SER A 95 -15.38 13.98 21.74
C SER A 95 -16.53 13.23 21.06
N LYS A 96 -16.96 12.12 21.66
CA LYS A 96 -18.10 11.38 21.12
C LYS A 96 -19.38 12.21 21.20
N ARG A 97 -19.56 12.95 22.29
CA ARG A 97 -20.70 13.85 22.39
C ARG A 97 -20.65 14.92 21.32
N LEU A 98 -19.46 15.50 21.08
CA LEU A 98 -19.32 16.58 20.10
C LEU A 98 -19.62 16.09 18.69
N ASN A 99 -19.03 14.96 18.29
CA ASN A 99 -19.30 14.51 16.92
C ASN A 99 -20.70 13.91 16.77
N THR A 100 -21.30 13.40 17.85
CA THR A 100 -22.71 13.04 17.79
C THR A 100 -23.59 14.27 17.60
N ILE A 101 -23.24 15.38 18.24
CA ILE A 101 -23.98 16.62 18.04
C ILE A 101 -23.83 17.09 16.59
N LEU A 102 -22.62 16.96 16.04
CA LEU A 102 -22.40 17.32 14.64
C LEU A 102 -23.20 16.43 13.70
N ASN A 103 -23.28 15.13 13.99
CA ASN A 103 -24.08 14.23 13.18
C ASN A 103 -25.57 14.56 13.27
N THR A 104 -26.04 14.97 14.46
CA THR A 104 -27.43 15.40 14.58
C THR A 104 -27.68 16.67 13.77
N MET A 105 -26.72 17.60 13.77
CA MET A 105 -26.78 18.76 12.89
C MET A 105 -26.95 18.34 11.43
N SER A 106 -26.11 17.41 10.98
CA SER A 106 -26.15 16.96 9.59
C SER A 106 -27.47 16.29 9.25
N THR A 107 -27.97 15.43 10.14
CA THR A 107 -29.22 14.71 9.87
C THR A 107 -30.41 15.66 9.84
N ILE A 108 -30.47 16.60 10.79
CA ILE A 108 -31.59 17.54 10.83
C ILE A 108 -31.54 18.48 9.63
N TYR A 109 -30.34 18.90 9.22
CA TYR A 109 -30.24 19.78 8.06
C TYR A 109 -30.59 19.05 6.78
N SER A 110 -30.18 17.79 6.63
CA SER A 110 -30.48 17.05 5.41
C SER A 110 -31.96 16.67 5.34
N THR A 111 -32.54 16.24 6.46
CA THR A 111 -33.93 15.82 6.47
C THR A 111 -34.86 17.01 6.73
N GLY A 112 -34.85 17.93 5.76
CA GLY A 112 -35.70 19.11 5.84
C GLY A 112 -36.89 19.04 4.91
N LYS A 113 -38.09 18.90 5.47
CA LYS A 113 -39.31 18.81 4.69
C LYS A 113 -40.35 19.77 5.25
N VAL A 114 -41.23 20.24 4.36
CA VAL A 114 -42.32 21.14 4.72
C VAL A 114 -43.61 20.56 4.16
N CYS A 115 -44.66 20.53 5.00
CA CYS A 115 -45.93 19.93 4.64
C CYS A 115 -47.02 21.00 4.60
N ASN A 116 -47.92 20.87 3.64
CA ASN A 116 -49.01 21.83 3.51
C ASN A 116 -50.00 21.68 4.66
N PRO A 117 -50.63 22.80 5.09
CA PRO A 117 -51.60 22.71 6.19
C PRO A 117 -52.91 22.06 5.79
N ASP A 118 -53.21 21.98 4.49
CA ASP A 118 -54.46 21.35 4.05
C ASP A 118 -54.46 19.85 4.31
N ASN A 119 -53.30 19.20 4.11
CA ASN A 119 -53.18 17.77 4.35
C ASN A 119 -51.75 17.45 4.75
N PRO A 120 -51.54 16.64 5.78
CA PRO A 120 -50.17 16.31 6.20
C PRO A 120 -49.47 15.30 5.32
N GLN A 121 -50.18 14.68 4.37
CA GLN A 121 -49.55 13.68 3.51
C GLN A 121 -48.65 14.35 2.46
N GLU A 122 -49.09 15.45 1.89
CA GLU A 122 -48.33 16.12 0.82
C GLU A 122 -47.24 16.98 1.45
N CYS A 123 -45.99 16.56 1.27
CA CYS A 123 -44.85 17.29 1.79
C CYS A 123 -43.77 17.40 0.72
N LEU A 124 -42.95 18.45 0.83
CA LEU A 124 -41.89 18.72 -0.12
C LEU A 124 -40.57 18.88 0.64
N LEU A 125 -39.51 18.28 0.09
CA LEU A 125 -38.20 18.31 0.73
C LEU A 125 -37.52 19.66 0.48
N LEU A 126 -36.34 19.84 1.08
CA LEU A 126 -35.65 21.13 1.01
C LEU A 126 -34.87 21.28 -0.29
N GLU A 127 -33.89 20.40 -0.52
CA GLU A 127 -33.08 20.51 -1.74
C GLU A 127 -33.88 20.25 -3.01
N PRO A 128 -34.64 19.14 -3.16
CA PRO A 128 -35.37 18.97 -4.43
C PRO A 128 -36.77 19.59 -4.40
N GLY A 129 -36.83 20.91 -4.49
CA GLY A 129 -38.08 21.60 -4.72
C GLY A 129 -38.35 22.84 -3.90
N LEU A 130 -37.91 22.89 -2.64
CA LEU A 130 -38.15 24.08 -1.84
C LEU A 130 -37.33 25.25 -2.35
N ASN A 131 -36.06 25.00 -2.69
CA ASN A 131 -35.25 26.03 -3.34
C ASN A 131 -35.82 26.42 -4.69
N GLU A 132 -36.44 25.46 -5.40
CA GLU A 132 -37.02 25.76 -6.70
C GLU A 132 -38.21 26.71 -6.57
N ILE A 133 -39.11 26.45 -5.62
CA ILE A 133 -40.25 27.34 -5.44
C ILE A 133 -39.86 28.65 -4.76
N MET A 134 -38.73 28.68 -4.04
CA MET A 134 -38.27 29.97 -3.53
C MET A 134 -37.62 30.80 -4.63
N ALA A 135 -36.94 30.16 -5.58
CA ALA A 135 -36.35 30.89 -6.69
C ALA A 135 -37.43 31.36 -7.68
N ASN A 136 -38.43 30.53 -7.92
CA ASN A 136 -39.50 30.83 -8.87
C ASN A 136 -40.79 31.06 -8.10
N SER A 137 -41.03 32.31 -7.69
CA SER A 137 -42.24 32.68 -6.99
C SER A 137 -42.54 34.14 -7.25
N LEU A 138 -43.81 34.45 -7.48
CA LEU A 138 -44.28 35.81 -7.71
C LEU A 138 -45.35 36.21 -6.70
N ASP A 139 -45.30 35.64 -5.50
CA ASP A 139 -46.28 35.91 -4.47
C ASP A 139 -45.57 36.22 -3.15
N TYR A 140 -46.17 37.13 -2.37
CA TYR A 140 -45.63 37.48 -1.07
C TYR A 140 -46.07 36.51 0.01
N ASN A 141 -47.36 36.15 0.01
CA ASN A 141 -47.91 35.28 1.04
C ASN A 141 -47.35 33.86 0.93
N GLU A 142 -47.15 33.37 -0.30
CA GLU A 142 -46.61 32.03 -0.47
C GLU A 142 -45.17 31.93 0.05
N ARG A 143 -44.34 32.93 -0.27
CA ARG A 143 -42.97 32.92 0.23
C ARG A 143 -42.92 33.12 1.74
N LEU A 144 -43.81 33.96 2.28
CA LEU A 144 -43.89 34.13 3.73
C LEU A 144 -44.27 32.82 4.42
N TRP A 145 -45.25 32.10 3.86
CA TRP A 145 -45.65 30.82 4.44
C TRP A 145 -44.53 29.78 4.32
N ALA A 146 -43.80 29.78 3.20
CA ALA A 146 -42.67 28.87 3.06
C ALA A 146 -41.59 29.17 4.09
N TRP A 147 -41.29 30.45 4.31
CA TRP A 147 -40.32 30.85 5.32
C TRP A 147 -40.76 30.41 6.70
N GLU A 148 -42.03 30.64 7.04
CA GLU A 148 -42.55 30.26 8.35
C GLU A 148 -42.52 28.75 8.55
N SER A 149 -42.93 27.99 7.53
CA SER A 149 -42.95 26.53 7.65
C SER A 149 -41.54 25.96 7.74
N TRP A 150 -40.56 26.61 7.09
CA TRP A 150 -39.19 26.13 7.18
C TRP A 150 -38.58 26.45 8.53
N ARG A 151 -38.80 27.66 9.05
CA ARG A 151 -38.10 28.11 10.25
C ARG A 151 -38.95 28.07 11.51
N SER A 152 -40.11 27.41 11.48
CA SER A 152 -40.91 27.25 12.69
C SER A 152 -40.88 25.83 13.24
N GLU A 153 -40.23 24.89 12.57
CA GLU A 153 -40.15 23.51 13.04
C GLU A 153 -38.73 22.98 13.17
N VAL A 154 -37.74 23.59 12.52
CA VAL A 154 -36.36 23.15 12.65
C VAL A 154 -35.66 23.88 13.79
N GLY A 155 -35.98 25.15 13.99
CA GLY A 155 -35.36 25.91 15.07
C GLY A 155 -35.75 25.40 16.44
N LYS A 156 -37.01 24.97 16.60
CA LYS A 156 -37.48 24.46 17.88
C LYS A 156 -36.73 23.21 18.31
N GLN A 157 -36.34 22.37 17.35
CA GLN A 157 -35.59 21.16 17.65
C GLN A 157 -34.08 21.34 17.57
N LEU A 158 -33.61 22.47 17.04
CA LEU A 158 -32.17 22.70 16.94
C LEU A 158 -31.62 23.68 17.98
N ARG A 159 -32.47 24.48 18.63
CA ARG A 159 -31.96 25.54 19.50
C ARG A 159 -31.15 25.05 20.69
N PRO A 160 -31.64 24.14 21.55
CA PRO A 160 -30.75 23.63 22.61
C PRO A 160 -29.62 22.79 22.07
N LEU A 161 -29.85 22.12 20.94
CA LEU A 161 -28.78 21.35 20.28
C LEU A 161 -27.70 22.29 19.77
N TYR A 162 -28.09 23.44 19.20
CA TYR A 162 -27.12 24.44 18.76
C TYR A 162 -26.37 25.04 19.96
N GLU A 163 -27.07 25.26 21.08
CA GLU A 163 -26.40 25.76 22.28
C GLU A 163 -25.37 24.75 22.79
N GLU A 164 -25.72 23.46 22.77
CA GLU A 164 -24.77 22.43 23.17
C GLU A 164 -23.57 22.39 22.24
N TYR A 165 -23.80 22.53 20.93
CA TYR A 165 -22.69 22.57 19.98
C TYR A 165 -21.78 23.76 20.25
N VAL A 166 -22.38 24.93 20.53
CA VAL A 166 -21.59 26.14 20.77
C VAL A 166 -20.74 26.00 22.03
N VAL A 167 -21.34 25.49 23.11
CA VAL A 167 -20.58 25.38 24.35
C VAL A 167 -19.51 24.30 24.24
N LEU A 168 -19.78 23.20 23.52
CA LEU A 168 -18.76 22.18 23.32
C LEU A 168 -17.60 22.71 22.49
N LYS A 169 -17.89 23.47 21.43
CA LYS A 169 -16.83 24.07 20.62
C LYS A 169 -16.02 25.07 21.43
N ASN A 170 -16.69 25.85 22.29
CA ASN A 170 -15.99 26.80 23.14
C ASN A 170 -15.07 26.08 24.13
N GLU A 171 -15.55 24.98 24.71
CA GLU A 171 -14.71 24.21 25.63
C GLU A 171 -13.51 23.60 24.93
N MET A 172 -13.71 23.08 23.72
CA MET A 172 -12.60 22.50 22.97
C MET A 172 -11.57 23.57 22.59
N ALA A 173 -12.05 24.76 22.22
CA ALA A 173 -11.14 25.87 21.90
C ALA A 173 -10.38 26.32 23.14
N ARG A 174 -11.05 26.36 24.29
CA ARG A 174 -10.35 26.71 25.54
C ARG A 174 -9.36 25.64 25.95
N ALA A 175 -9.58 24.39 25.55
CA ALA A 175 -8.65 23.30 25.86
C ALA A 175 -7.49 23.22 24.88
N ASN A 176 -7.45 24.08 23.86
CA ASN A 176 -6.40 24.06 22.85
C ASN A 176 -5.58 25.36 22.87
N HIS A 177 -5.44 25.97 24.05
CA HIS A 177 -4.68 27.21 24.23
C HIS A 177 -5.20 28.34 23.34
N TYR A 178 -6.51 28.43 23.21
CA TYR A 178 -7.15 29.49 22.44
C TYR A 178 -8.27 30.11 23.27
N GLU A 179 -8.49 31.40 23.07
CA GLU A 179 -9.52 32.10 23.84
C GLU A 179 -10.92 31.70 23.39
N ASP A 180 -11.12 31.48 22.09
CA ASP A 180 -12.43 31.15 21.57
C ASP A 180 -12.26 30.41 20.25
N TYR A 181 -13.37 29.81 19.79
CA TYR A 181 -13.37 29.09 18.52
C TYR A 181 -13.16 30.04 17.34
N GLY A 182 -13.63 31.28 17.46
CA GLY A 182 -13.37 32.27 16.42
C GLY A 182 -11.90 32.56 16.27
N ASP A 183 -11.17 32.63 17.39
CA ASP A 183 -9.73 32.80 17.34
C ASP A 183 -9.05 31.60 16.70
N TYR A 184 -9.55 30.39 16.99
CA TYR A 184 -9.00 29.19 16.38
C TYR A 184 -9.21 29.19 14.87
N TRP A 185 -10.37 29.65 14.40
CA TRP A 185 -10.61 29.71 12.97
C TRP A 185 -9.80 30.84 12.31
N ARG A 186 -9.61 31.96 13.01
CA ARG A 186 -8.83 33.05 12.46
C ARG A 186 -7.33 32.77 12.50
N GLY A 187 -6.88 31.83 13.32
CA GLY A 187 -5.48 31.48 13.37
C GLY A 187 -4.95 30.76 12.15
N ASP A 188 -5.83 30.30 11.26
CA ASP A 188 -5.41 29.68 10.02
C ASP A 188 -4.75 30.67 9.07
N TYR A 189 -5.02 31.96 9.24
CA TYR A 189 -4.40 33.01 8.43
C TYR A 189 -3.13 33.57 9.06
N GLU A 190 -2.75 33.10 10.25
CA GLU A 190 -1.59 33.65 10.93
C GLU A 190 -0.30 33.17 10.29
N VAL A 191 0.69 34.06 10.25
CA VAL A 191 2.02 33.76 9.72
C VAL A 191 3.02 33.95 10.85
N ASN A 192 3.80 32.91 11.14
CA ASN A 192 4.79 32.94 12.21
C ASN A 192 6.15 32.54 11.64
N GLY A 193 7.16 33.33 11.93
CA GLY A 193 8.51 33.03 11.48
C GLY A 193 9.05 34.02 10.48
N VAL A 194 8.21 34.47 9.56
CA VAL A 194 8.62 35.41 8.53
C VAL A 194 8.60 36.82 9.10
N ASP A 195 9.74 37.51 9.02
CA ASP A 195 9.84 38.87 9.54
C ASP A 195 9.21 39.86 8.58
N GLY A 196 8.44 40.80 9.14
CA GLY A 196 7.79 41.81 8.35
C GLY A 196 6.51 41.37 7.67
N TYR A 197 6.06 40.14 7.90
CA TYR A 197 4.84 39.62 7.28
C TYR A 197 3.97 38.90 8.30
N ASP A 198 4.05 39.31 9.56
CA ASP A 198 3.22 38.70 10.60
C ASP A 198 1.77 39.13 10.45
N TYR A 199 0.87 38.28 10.95
CA TYR A 199 -0.57 38.55 10.83
C TYR A 199 -1.26 37.97 12.05
N SER A 200 -1.87 38.84 12.85
CA SER A 200 -2.60 38.44 14.05
C SER A 200 -4.09 38.32 13.74
N ARG A 201 -4.88 38.01 14.78
CA ARG A 201 -6.30 37.79 14.62
C ARG A 201 -7.14 39.06 14.79
N GLY A 202 -6.52 40.16 15.22
CA GLY A 202 -7.26 41.41 15.39
C GLY A 202 -7.13 42.33 14.21
N GLN A 203 -5.94 42.34 13.59
CA GLN A 203 -5.73 43.16 12.40
C GLN A 203 -6.60 42.68 11.24
N LEU A 204 -6.89 41.38 11.18
CA LEU A 204 -7.80 40.87 10.16
C LEU A 204 -9.21 41.45 10.36
N ILE A 205 -9.68 41.50 11.60
CA ILE A 205 -11.00 42.05 11.88
C ILE A 205 -11.04 43.54 11.58
N GLU A 206 -9.99 44.28 11.95
CA GLU A 206 -9.95 45.71 11.67
C GLU A 206 -9.91 45.99 10.18
N ASP A 207 -9.13 45.21 9.42
CA ASP A 207 -9.08 45.38 7.97
C ASP A 207 -10.41 45.00 7.32
N VAL A 208 -11.08 43.96 7.84
CA VAL A 208 -12.39 43.59 7.32
C VAL A 208 -13.40 44.72 7.55
N GLU A 209 -13.37 45.33 8.74
CA GLU A 209 -14.25 46.46 9.01
C GLU A 209 -13.92 47.66 8.12
N HIS A 210 -12.62 47.90 7.89
CA HIS A 210 -12.21 49.04 7.06
C HIS A 210 -12.60 48.85 5.60
N THR A 211 -12.60 47.60 5.12
CA THR A 211 -13.10 47.34 3.77
C THR A 211 -14.62 47.31 3.73
N PHE A 212 -15.28 46.95 4.84
CA PHE A 212 -16.74 46.93 4.86
C PHE A 212 -17.30 48.34 4.86
N GLU A 213 -16.62 49.28 5.52
CA GLU A 213 -17.08 50.67 5.46
C GLU A 213 -16.87 51.27 4.08
N GLU A 214 -16.02 50.67 3.24
CA GLU A 214 -15.86 51.09 1.85
C GLU A 214 -16.84 50.38 0.93
N ILE A 215 -17.26 49.16 1.27
CA ILE A 215 -18.28 48.48 0.47
C ILE A 215 -19.69 48.92 0.86
N LYS A 216 -19.84 49.61 1.99
CA LYS A 216 -21.14 50.14 2.39
C LYS A 216 -21.76 51.10 1.38
N PRO A 217 -21.04 52.09 0.82
CA PRO A 217 -21.69 52.92 -0.22
C PRO A 217 -22.11 52.16 -1.46
N LEU A 218 -21.38 51.11 -1.83
CA LEU A 218 -21.78 50.29 -2.97
C LEU A 218 -22.95 49.37 -2.62
N TYR A 219 -23.11 49.04 -1.35
CA TYR A 219 -24.19 48.15 -0.93
C TYR A 219 -25.51 48.90 -0.68
N GLU A 220 -25.44 50.10 -0.11
CA GLU A 220 -26.67 50.85 0.19
C GLU A 220 -27.33 51.37 -1.08
N HIS A 221 -26.55 51.69 -2.11
CA HIS A 221 -27.13 52.10 -3.38
C HIS A 221 -27.87 50.93 -4.03
N LEU A 222 -27.28 49.73 -4.00
CA LEU A 222 -27.95 48.54 -4.51
C LEU A 222 -29.19 48.23 -3.69
N HIS A 223 -29.14 48.43 -2.37
CA HIS A 223 -30.30 48.22 -1.52
C HIS A 223 -31.42 49.17 -1.88
N ALA A 224 -31.10 50.46 -2.11
CA ALA A 224 -32.11 51.42 -2.52
C ALA A 224 -32.69 51.07 -3.88
N TYR A 225 -31.84 50.60 -4.80
CA TYR A 225 -32.31 50.23 -6.14
C TYR A 225 -33.27 49.04 -6.08
N VAL A 226 -32.91 48.00 -5.32
CA VAL A 226 -33.80 46.84 -5.25
C VAL A 226 -35.05 47.16 -4.45
N ARG A 227 -34.96 48.04 -3.46
CA ARG A 227 -36.16 48.47 -2.75
C ARG A 227 -37.11 49.22 -3.67
N ALA A 228 -36.57 50.09 -4.53
CA ALA A 228 -37.39 50.78 -5.52
C ALA A 228 -38.01 49.80 -6.51
N LYS A 229 -37.25 48.78 -6.93
CA LYS A 229 -37.78 47.81 -7.87
C LYS A 229 -38.89 46.97 -7.26
N LEU A 230 -38.72 46.53 -6.01
CA LEU A 230 -39.79 45.80 -5.34
C LEU A 230 -40.99 46.69 -5.02
N MET A 231 -40.77 47.98 -4.87
CA MET A 231 -41.88 48.89 -4.64
C MET A 231 -42.67 49.02 -5.95
N ASN A 232 -41.96 49.15 -7.06
CA ASN A 232 -42.61 49.25 -8.36
C ASN A 232 -43.37 47.97 -8.69
N ALA A 233 -42.80 46.82 -8.38
CA ALA A 233 -43.49 45.56 -8.62
C ALA A 233 -44.63 45.36 -7.61
N TYR A 234 -44.36 45.61 -6.34
CA TYR A 234 -45.35 45.44 -5.27
C TYR A 234 -45.55 46.76 -4.55
N PRO A 235 -46.61 47.52 -4.85
CA PRO A 235 -46.80 48.83 -4.21
C PRO A 235 -47.29 48.73 -2.77
N SER A 236 -48.10 47.70 -2.48
CA SER A 236 -48.71 47.54 -1.17
C SER A 236 -48.04 46.45 -0.34
N TYR A 237 -46.74 46.21 -0.56
CA TYR A 237 -46.00 45.21 0.19
C TYR A 237 -44.66 45.70 0.71
N ILE A 238 -44.14 46.82 0.21
CA ILE A 238 -42.86 47.35 0.67
C ILE A 238 -42.87 48.86 0.48
N SER A 239 -42.54 49.60 1.53
CA SER A 239 -42.43 51.05 1.49
C SER A 239 -40.97 51.46 1.39
N PRO A 240 -40.64 52.48 0.58
CA PRO A 240 -39.23 52.86 0.43
C PRO A 240 -38.75 53.80 1.53
N ILE A 241 -39.12 53.50 2.77
CA ILE A 241 -38.64 54.23 3.94
C ILE A 241 -37.96 53.22 4.87
N GLY A 242 -38.42 51.98 4.81
CA GLY A 242 -37.98 50.93 5.71
C GLY A 242 -36.94 50.02 5.09
N CYS A 243 -36.91 48.78 5.57
CA CYS A 243 -35.91 47.80 5.20
C CYS A 243 -36.52 46.74 4.28
N LEU A 244 -35.65 45.91 3.72
CA LEU A 244 -36.10 44.87 2.80
C LEU A 244 -36.77 43.72 3.57
N PRO A 245 -37.75 43.07 2.97
CA PRO A 245 -38.36 41.90 3.61
C PRO A 245 -37.40 40.73 3.70
N ALA A 246 -37.63 39.88 4.71
CA ALA A 246 -36.71 38.78 4.99
C ALA A 246 -36.77 37.70 3.92
N HIS A 247 -37.98 37.29 3.52
CA HIS A 247 -38.14 36.19 2.60
C HIS A 247 -38.15 36.61 1.13
N LEU A 248 -37.95 37.89 0.84
CA LEU A 248 -37.91 38.39 -0.53
C LEU A 248 -36.48 38.66 -0.99
N LEU A 249 -35.54 37.82 -0.57
CA LEU A 249 -34.13 37.94 -0.95
C LEU A 249 -33.71 36.91 -2.00
N GLY A 250 -34.66 36.47 -2.83
CA GLY A 250 -34.34 35.52 -3.87
C GLY A 250 -34.27 34.09 -3.38
N ASP A 251 -33.19 33.74 -2.70
CA ASP A 251 -33.05 32.42 -2.12
C ASP A 251 -33.53 32.42 -0.67
N MET A 252 -33.44 31.26 -0.03
CA MET A 252 -34.00 31.13 1.32
C MET A 252 -33.09 31.82 2.35
N TRP A 253 -31.78 31.63 2.23
CA TRP A 253 -30.84 32.15 3.22
C TRP A 253 -30.37 33.57 2.91
N GLY A 254 -30.83 34.17 1.82
CA GLY A 254 -30.39 35.51 1.48
C GLY A 254 -28.99 35.60 0.93
N ARG A 255 -28.43 34.49 0.45
CA ARG A 255 -27.07 34.49 -0.06
C ARG A 255 -27.00 34.99 -1.50
N PHE A 256 -27.68 34.30 -2.42
CA PHE A 256 -27.68 34.65 -3.82
C PHE A 256 -29.00 35.34 -4.18
N TRP A 257 -28.89 36.53 -4.76
CA TRP A 257 -30.06 37.33 -5.12
C TRP A 257 -30.39 37.23 -6.61
N THR A 258 -29.79 36.28 -7.33
CA THR A 258 -30.02 36.13 -8.76
C THR A 258 -31.41 35.59 -9.08
N ASN A 259 -32.15 35.11 -8.09
CA ASN A 259 -33.49 34.56 -8.35
C ASN A 259 -34.48 35.66 -8.74
N LEU A 260 -34.24 36.89 -8.31
CA LEU A 260 -35.09 38.03 -8.66
C LEU A 260 -34.48 38.90 -9.75
N TYR A 261 -33.52 38.37 -10.50
CA TYR A 261 -32.90 39.13 -11.58
C TYR A 261 -33.90 39.48 -12.67
N SER A 262 -34.78 38.52 -13.02
CA SER A 262 -35.80 38.78 -14.02
C SER A 262 -36.81 39.81 -13.53
N LEU A 263 -37.08 39.83 -12.22
CA LEU A 263 -37.96 40.84 -11.66
C LEU A 263 -37.29 42.21 -11.57
N THR A 264 -35.97 42.25 -11.49
CA THR A 264 -35.22 43.50 -11.32
C THR A 264 -34.36 43.82 -12.55
N VAL A 265 -34.90 43.59 -13.74
CA VAL A 265 -34.23 43.96 -14.98
C VAL A 265 -34.53 45.43 -15.27
N PRO A 266 -33.52 46.28 -15.43
CA PRO A 266 -33.78 47.70 -15.71
C PRO A 266 -34.09 47.98 -17.18
N PHE A 267 -33.52 47.18 -18.08
CA PHE A 267 -33.70 47.37 -19.52
C PHE A 267 -34.12 46.05 -20.13
N GLY A 268 -35.43 45.85 -20.30
CA GLY A 268 -35.98 44.65 -20.88
C GLY A 268 -36.08 44.65 -22.39
N GLN A 269 -35.75 45.76 -23.04
CA GLN A 269 -35.82 45.82 -24.50
C GLN A 269 -34.61 45.16 -25.15
N LYS A 270 -33.41 45.51 -24.68
CA LYS A 270 -32.20 44.90 -25.20
C LYS A 270 -32.11 43.45 -24.73
N PRO A 271 -31.88 42.49 -25.63
CA PRO A 271 -31.80 41.09 -25.20
C PRO A 271 -30.54 40.82 -24.41
N ASN A 272 -30.71 40.08 -23.30
CA ASN A 272 -29.57 39.68 -22.49
C ASN A 272 -28.74 38.64 -23.26
N ILE A 273 -27.45 38.56 -22.90
CA ILE A 273 -26.56 37.61 -23.55
C ILE A 273 -26.97 36.19 -23.18
N ASP A 274 -27.14 35.35 -24.19
CA ASP A 274 -27.64 33.99 -24.00
C ASP A 274 -27.25 33.17 -25.21
N VAL A 275 -26.41 32.17 -25.00
CA VAL A 275 -26.00 31.26 -26.06
C VAL A 275 -26.49 29.84 -25.80
N THR A 276 -27.56 29.69 -25.02
CA THR A 276 -28.12 28.37 -24.75
C THR A 276 -28.66 27.73 -26.02
N ASP A 277 -29.37 28.50 -26.84
CA ASP A 277 -29.82 27.99 -28.13
C ASP A 277 -28.65 27.74 -29.07
N ALA A 278 -27.57 28.51 -28.91
CA ALA A 278 -26.38 28.33 -29.76
C ALA A 278 -25.69 27.00 -29.50
N MET A 279 -25.72 26.51 -28.27
CA MET A 279 -25.20 25.18 -27.98
C MET A 279 -26.24 24.08 -28.15
N VAL A 280 -27.52 24.41 -28.06
CA VAL A 280 -28.57 23.43 -28.30
C VAL A 280 -28.63 23.03 -29.76
N ASP A 281 -28.58 24.03 -30.66
CA ASP A 281 -28.75 23.75 -32.08
C ASP A 281 -27.47 23.25 -32.75
N GLN A 282 -26.33 23.26 -32.06
CA GLN A 282 -25.08 22.80 -32.62
C GLN A 282 -24.60 21.50 -32.00
N ALA A 283 -25.46 20.83 -31.22
CA ALA A 283 -25.17 19.53 -30.61
C ALA A 283 -23.92 19.58 -29.72
N TRP A 284 -24.01 20.40 -28.67
CA TRP A 284 -22.91 20.58 -27.73
C TRP A 284 -23.15 19.70 -26.51
N ASP A 285 -22.15 18.91 -26.15
CA ASP A 285 -22.19 18.06 -24.97
C ASP A 285 -21.06 18.48 -24.03
N ALA A 286 -20.90 17.71 -22.94
CA ALA A 286 -19.87 18.02 -21.97
C ALA A 286 -18.47 17.73 -22.51
N GLN A 287 -18.35 16.76 -23.42
CA GLN A 287 -17.06 16.46 -24.04
C GLN A 287 -16.52 17.66 -24.81
N ARG A 288 -17.38 18.28 -25.64
CA ARG A 288 -16.95 19.44 -26.42
C ARG A 288 -16.64 20.63 -25.52
N ILE A 289 -17.43 20.82 -24.47
CA ILE A 289 -17.20 21.92 -23.53
C ILE A 289 -15.85 21.74 -22.83
N PHE A 290 -15.57 20.51 -22.39
CA PHE A 290 -14.29 20.25 -21.74
C PHE A 290 -13.12 20.41 -22.71
N LYS A 291 -13.32 20.01 -23.98
CA LYS A 291 -12.28 20.22 -25.00
C LYS A 291 -11.97 21.69 -25.23
N GLU A 292 -13.01 22.52 -25.41
CA GLU A 292 -12.75 23.94 -25.67
C GLU A 292 -12.16 24.61 -24.43
N ALA A 293 -12.59 24.19 -23.24
CA ALA A 293 -12.00 24.71 -22.01
C ALA A 293 -10.53 24.31 -21.89
N GLU A 294 -10.19 23.08 -22.30
CA GLU A 294 -8.78 22.66 -22.31
C GLU A 294 -7.97 23.49 -23.30
N LYS A 295 -8.55 23.76 -24.48
CA LYS A 295 -7.86 24.60 -25.47
C LYS A 295 -7.63 26.00 -24.93
N PHE A 296 -8.63 26.57 -24.25
CA PHE A 296 -8.49 27.89 -23.66
C PHE A 296 -7.44 27.90 -22.54
N PHE A 297 -7.41 26.83 -21.73
CA PHE A 297 -6.45 26.75 -20.64
C PHE A 297 -5.03 26.57 -21.15
N VAL A 298 -4.86 25.82 -22.25
CA VAL A 298 -3.53 25.60 -22.81
C VAL A 298 -3.08 26.74 -23.71
N SER A 299 -4.01 27.62 -24.12
CA SER A 299 -3.64 28.75 -24.95
C SER A 299 -3.04 29.90 -24.15
N VAL A 300 -3.15 29.89 -22.82
CA VAL A 300 -2.62 30.94 -21.98
C VAL A 300 -1.34 30.51 -21.25
N GLY A 301 -0.76 29.38 -21.65
CA GLY A 301 0.48 28.91 -21.08
C GLY A 301 0.32 27.85 -20.00
N LEU A 302 -0.87 27.71 -19.44
CA LEU A 302 -1.08 26.71 -18.40
C LEU A 302 -1.08 25.31 -19.01
N PRO A 303 -0.50 24.33 -18.34
CA PRO A 303 -0.51 22.96 -18.86
C PRO A 303 -1.91 22.36 -18.83
N ASN A 304 -2.15 21.41 -19.74
CA ASN A 304 -3.47 20.84 -19.89
C ASN A 304 -3.70 19.74 -18.86
N MET A 305 -4.85 19.07 -18.97
CA MET A 305 -5.27 18.05 -18.03
C MET A 305 -4.57 16.72 -18.31
N THR A 306 -4.58 15.86 -17.29
CA THR A 306 -4.05 14.52 -17.45
C THR A 306 -5.07 13.64 -18.18
N GLN A 307 -4.59 12.51 -18.68
CA GLN A 307 -5.51 11.58 -19.32
C GLN A 307 -6.42 11.01 -18.23
N GLY A 308 -5.90 10.94 -17.01
CA GLY A 308 -6.72 10.43 -15.91
C GLY A 308 -8.05 11.17 -15.78
N PHE A 309 -8.01 12.51 -15.82
CA PHE A 309 -9.26 13.28 -15.77
C PHE A 309 -10.15 12.96 -16.96
N TRP A 310 -9.56 12.85 -18.15
CA TRP A 310 -10.32 12.58 -19.37
C TRP A 310 -10.87 11.17 -19.46
N GLU A 311 -10.43 10.23 -18.62
CA GLU A 311 -10.96 8.87 -18.78
C GLU A 311 -11.65 8.37 -17.52
N ASN A 312 -11.17 8.78 -16.35
CA ASN A 312 -11.66 8.26 -15.09
C ASN A 312 -12.82 9.06 -14.54
N SER A 313 -12.87 10.36 -14.82
CA SER A 313 -13.90 11.21 -14.24
C SER A 313 -15.21 11.12 -15.03
N MET A 314 -16.31 11.32 -14.32
CA MET A 314 -17.62 11.27 -14.93
C MET A 314 -17.99 12.63 -15.53
N LEU A 315 -18.88 12.61 -16.52
CA LEU A 315 -19.43 13.85 -17.04
C LEU A 315 -20.90 13.73 -17.44
N THR A 316 -21.52 12.59 -17.15
CA THR A 316 -22.90 12.22 -17.49
C THR A 316 -23.33 11.05 -16.64
N ASP A 317 -24.61 11.02 -16.26
CA ASP A 317 -25.21 9.89 -15.56
C ASP A 317 -25.87 8.94 -16.55
N PRO A 318 -25.67 7.63 -16.41
CA PRO A 318 -26.26 6.64 -17.35
C PRO A 318 -27.69 6.23 -17.01
N GLY A 319 -28.64 7.10 -17.31
CA GLY A 319 -30.05 6.76 -17.13
C GLY A 319 -30.47 6.67 -15.67
N ASN A 320 -31.52 5.89 -15.44
CA ASN A 320 -32.06 5.69 -14.10
C ASN A 320 -31.69 4.33 -13.52
N VAL A 321 -30.75 3.60 -14.13
CA VAL A 321 -30.37 2.31 -13.60
C VAL A 321 -29.54 2.43 -12.33
N GLN A 322 -28.96 3.61 -12.07
CA GLN A 322 -28.22 3.86 -10.85
C GLN A 322 -28.28 5.35 -10.53
N LYS A 323 -28.04 5.68 -9.27
CA LYS A 323 -28.12 7.04 -8.80
C LYS A 323 -26.73 7.57 -8.48
N ALA A 324 -26.49 8.83 -8.84
CA ALA A 324 -25.22 9.49 -8.58
C ALA A 324 -25.49 10.88 -8.01
N VAL A 325 -24.47 11.44 -7.37
CA VAL A 325 -24.60 12.73 -6.69
C VAL A 325 -24.57 13.83 -7.74
N CYS A 326 -25.63 14.64 -7.80
CA CYS A 326 -25.72 15.78 -8.71
C CYS A 326 -25.24 17.05 -8.01
N HIS A 327 -23.97 17.04 -7.59
CA HIS A 327 -23.37 18.14 -6.87
C HIS A 327 -21.90 18.28 -7.29
N PRO A 328 -21.43 19.50 -7.52
CA PRO A 328 -20.03 19.69 -7.93
C PRO A 328 -19.09 19.48 -6.75
N THR A 329 -18.19 18.49 -6.87
CA THR A 329 -17.20 18.22 -5.84
C THR A 329 -15.98 17.58 -6.50
N ALA A 330 -14.81 18.20 -6.32
CA ALA A 330 -13.58 17.71 -6.91
C ALA A 330 -12.72 17.01 -5.85
N TRP A 331 -11.90 16.06 -6.32
CA TRP A 331 -11.03 15.30 -5.44
C TRP A 331 -9.61 15.32 -6.00
N ASP A 332 -8.65 15.63 -5.13
CA ASP A 332 -7.23 15.52 -5.46
C ASP A 332 -6.76 14.21 -4.84
N LEU A 333 -6.90 13.12 -5.61
CA LEU A 333 -6.58 11.79 -5.11
C LEU A 333 -5.09 11.61 -4.85
N GLY A 334 -4.25 12.43 -5.48
CA GLY A 334 -2.82 12.29 -5.33
C GLY A 334 -2.24 11.23 -6.26
N LYS A 335 -0.91 11.23 -6.33
CA LYS A 335 -0.14 10.30 -7.17
C LYS A 335 -0.57 10.39 -8.64
N GLY A 336 -0.90 11.60 -9.09
CA GLY A 336 -1.28 11.82 -10.47
C GLY A 336 -2.70 11.44 -10.82
N ASP A 337 -3.53 11.08 -9.85
CA ASP A 337 -4.91 10.70 -10.10
C ASP A 337 -5.83 11.87 -9.75
N PHE A 338 -6.67 12.26 -10.70
CA PHE A 338 -7.55 13.41 -10.54
C PHE A 338 -8.94 13.10 -11.08
N ARG A 339 -9.97 13.43 -10.31
CA ARG A 339 -11.35 13.11 -10.65
C ARG A 339 -12.26 14.25 -10.17
N ILE A 340 -13.46 14.31 -10.76
CA ILE A 340 -14.42 15.38 -10.46
C ILE A 340 -15.84 14.95 -10.80
N LEU A 341 -16.76 15.12 -9.84
CA LEU A 341 -18.18 14.97 -10.09
C LEU A 341 -18.73 16.27 -10.67
N MET A 342 -19.23 16.22 -11.90
CA MET A 342 -19.83 17.38 -12.54
C MET A 342 -21.14 16.96 -13.20
N CYS A 343 -22.25 17.43 -12.66
CA CYS A 343 -23.59 17.08 -13.14
C CYS A 343 -23.91 17.99 -14.31
N THR A 344 -23.68 17.48 -15.53
CA THR A 344 -23.73 18.32 -16.73
C THR A 344 -25.13 18.36 -17.34
N LYS A 345 -25.60 19.57 -17.62
CA LYS A 345 -26.79 19.80 -18.43
C LYS A 345 -26.46 20.92 -19.41
N VAL A 346 -27.28 21.01 -20.46
CA VAL A 346 -27.03 22.02 -21.48
C VAL A 346 -27.62 23.36 -21.02
N THR A 347 -26.83 24.08 -20.23
CA THR A 347 -27.21 25.37 -19.64
C THR A 347 -25.98 26.26 -19.58
N MET A 348 -26.08 27.35 -18.83
CA MET A 348 -24.95 28.23 -18.58
C MET A 348 -24.44 28.17 -17.14
N ASP A 349 -25.31 27.94 -16.17
CA ASP A 349 -24.87 27.75 -14.79
C ASP A 349 -24.00 26.50 -14.66
N ASP A 350 -24.39 25.41 -15.32
CA ASP A 350 -23.56 24.21 -15.35
C ASP A 350 -22.24 24.48 -16.06
N PHE A 351 -22.27 25.29 -17.12
CA PHE A 351 -21.05 25.65 -17.83
C PHE A 351 -20.07 26.40 -16.92
N LEU A 352 -20.59 27.38 -16.18
CA LEU A 352 -19.74 28.15 -15.28
C LEU A 352 -19.25 27.29 -14.12
N THR A 353 -20.09 26.38 -13.62
CA THR A 353 -19.66 25.48 -12.55
C THR A 353 -18.58 24.52 -13.04
N ALA A 354 -18.70 24.03 -14.27
CA ALA A 354 -17.67 23.17 -14.84
C ALA A 354 -16.36 23.91 -15.03
N HIS A 355 -16.42 25.18 -15.48
CA HIS A 355 -15.20 25.97 -15.59
C HIS A 355 -14.58 26.25 -14.22
N HIS A 356 -15.42 26.48 -13.21
CA HIS A 356 -14.92 26.70 -11.86
C HIS A 356 -14.24 25.45 -11.31
N GLU A 357 -14.83 24.27 -11.54
CA GLU A 357 -14.21 23.03 -11.09
C GLU A 357 -12.95 22.72 -11.89
N MET A 358 -12.89 23.14 -13.16
CA MET A 358 -11.66 22.96 -13.92
C MET A 358 -10.55 23.86 -13.39
N GLY A 359 -10.89 25.09 -13.00
CA GLY A 359 -9.93 25.92 -12.30
C GLY A 359 -9.47 25.31 -11.00
N HIS A 360 -10.41 24.69 -10.27
CA HIS A 360 -10.09 23.97 -9.04
C HIS A 360 -9.05 22.88 -9.29
N ILE A 361 -9.28 22.05 -10.31
CA ILE A 361 -8.39 20.91 -10.50
C ILE A 361 -7.07 21.38 -11.13
N GLN A 362 -7.09 22.48 -11.90
CA GLN A 362 -5.84 23.06 -12.37
C GLN A 362 -5.00 23.58 -11.21
N TYR A 363 -5.63 24.22 -10.22
CA TYR A 363 -4.91 24.63 -9.01
C TYR A 363 -4.39 23.40 -8.25
N ASP A 364 -5.18 22.33 -8.21
CA ASP A 364 -4.72 21.10 -7.56
C ASP A 364 -3.50 20.52 -8.26
N MET A 365 -3.49 20.56 -9.60
CA MET A 365 -2.36 20.07 -10.38
C MET A 365 -1.17 21.01 -10.36
N ALA A 366 -1.37 22.26 -9.95
CA ALA A 366 -0.26 23.22 -9.92
C ALA A 366 0.80 22.80 -8.91
N TYR A 367 0.40 22.48 -7.68
CA TYR A 367 1.33 22.02 -6.65
C TYR A 367 1.38 20.49 -6.62
N ALA A 368 1.67 19.91 -7.78
CA ALA A 368 1.71 18.45 -7.89
C ALA A 368 2.95 17.87 -7.19
N ALA A 369 4.09 18.54 -7.32
CA ALA A 369 5.33 18.04 -6.75
C ALA A 369 5.46 18.30 -5.25
N GLN A 370 4.58 19.14 -4.69
CA GLN A 370 4.67 19.44 -3.27
C GLN A 370 4.15 18.27 -2.43
N PRO A 371 4.70 18.08 -1.22
CA PRO A 371 4.24 16.98 -0.36
C PRO A 371 2.82 17.20 0.18
N PHE A 372 2.35 16.24 0.97
CA PHE A 372 1.00 16.33 1.53
C PHE A 372 0.90 17.42 2.60
N LEU A 373 2.01 17.82 3.21
CA LEU A 373 1.99 18.94 4.14
C LEU A 373 2.26 20.27 3.47
N LEU A 374 2.54 20.28 2.16
CA LEU A 374 2.62 21.48 1.35
C LEU A 374 1.49 21.50 0.33
N ARG A 375 0.30 21.10 0.78
CA ARG A 375 -0.90 21.02 -0.03
C ARG A 375 -1.53 22.40 -0.22
N ASN A 376 -2.81 22.43 -0.59
CA ASN A 376 -3.61 23.63 -0.81
C ASN A 376 -3.37 24.71 0.25
N GLY A 377 -3.43 25.97 -0.17
CA GLY A 377 -2.91 27.10 0.59
C GLY A 377 -3.52 27.39 1.95
N ALA A 378 -3.04 28.46 2.58
CA ALA A 378 -3.42 28.81 3.94
C ALA A 378 -4.87 29.25 4.07
N ASN A 379 -5.58 29.45 2.96
CA ASN A 379 -7.00 29.76 2.99
C ASN A 379 -7.72 28.89 1.98
N GLU A 380 -9.00 28.65 2.24
CA GLU A 380 -9.85 27.88 1.33
C GLU A 380 -10.63 28.77 0.37
N GLY A 381 -10.08 29.93 0.02
CA GLY A 381 -10.72 30.83 -0.93
C GLY A 381 -9.88 31.08 -2.16
N PHE A 382 -8.59 30.73 -2.09
CA PHE A 382 -7.72 30.86 -3.26
C PHE A 382 -8.22 30.01 -4.42
N HIS A 383 -8.60 28.77 -4.14
CA HIS A 383 -9.08 27.88 -5.19
C HIS A 383 -10.40 28.37 -5.77
N GLU A 384 -11.27 28.89 -4.92
CA GLU A 384 -12.54 29.43 -5.40
C GLU A 384 -12.27 30.60 -6.32
N ALA A 385 -11.41 31.51 -5.89
CA ALA A 385 -11.09 32.68 -6.71
C ALA A 385 -10.48 32.27 -8.04
N VAL A 386 -9.56 31.31 -8.02
CA VAL A 386 -8.89 30.87 -9.24
C VAL A 386 -9.88 30.23 -10.21
N GLY A 387 -10.81 29.43 -9.68
CA GLY A 387 -11.85 28.87 -10.54
C GLY A 387 -12.78 29.92 -11.10
N GLU A 388 -13.21 30.86 -10.26
CA GLU A 388 -14.24 31.79 -10.70
C GLU A 388 -13.70 32.89 -11.61
N ILE A 389 -12.42 33.24 -11.52
CA ILE A 389 -11.89 34.22 -12.45
C ILE A 389 -11.84 33.65 -13.87
N MET A 390 -11.46 32.38 -13.99
CA MET A 390 -11.49 31.73 -15.31
C MET A 390 -12.93 31.50 -15.76
N SER A 391 -13.84 31.22 -14.84
CA SER A 391 -15.25 31.05 -15.21
C SER A 391 -15.83 32.36 -15.76
N LEU A 392 -15.48 33.49 -15.13
CA LEU A 392 -15.97 34.78 -15.61
C LEU A 392 -15.26 35.22 -16.88
N SER A 393 -13.98 34.83 -17.04
CA SER A 393 -13.27 35.15 -18.28
C SER A 393 -13.82 34.36 -19.45
N ALA A 394 -14.25 33.11 -19.21
CA ALA A 394 -14.89 32.33 -20.26
C ALA A 394 -16.32 32.77 -20.55
N ALA A 395 -16.91 33.59 -19.68
CA ALA A 395 -18.28 34.08 -19.86
C ALA A 395 -18.34 35.47 -20.46
N THR A 396 -17.20 36.08 -20.75
CA THR A 396 -17.20 37.40 -21.37
C THR A 396 -17.70 37.33 -22.81
N PRO A 397 -18.37 38.38 -23.29
CA PRO A 397 -18.84 38.37 -24.69
C PRO A 397 -17.73 38.24 -25.71
N LYS A 398 -16.55 38.78 -25.44
CA LYS A 398 -15.42 38.63 -26.36
C LYS A 398 -14.98 37.19 -26.46
N HIS A 399 -14.95 36.47 -25.33
CA HIS A 399 -14.60 35.05 -25.36
C HIS A 399 -15.64 34.23 -26.11
N LEU A 400 -16.92 34.56 -25.95
CA LEU A 400 -17.97 33.84 -26.66
C LEU A 400 -17.92 34.12 -28.16
N LYS A 401 -17.57 35.36 -28.54
CA LYS A 401 -17.46 35.68 -29.97
C LYS A 401 -16.21 35.10 -30.59
N SER A 402 -15.15 34.92 -29.79
CA SER A 402 -13.90 34.36 -30.33
C SER A 402 -14.04 32.89 -30.67
N ILE A 403 -14.85 32.14 -29.92
CA ILE A 403 -15.02 30.70 -30.17
C ILE A 403 -16.12 30.42 -31.18
N GLY A 404 -16.72 31.45 -31.78
CA GLY A 404 -17.74 31.25 -32.78
C GLY A 404 -19.11 30.90 -32.24
N LEU A 405 -19.38 31.20 -30.96
CA LEU A 405 -20.68 30.91 -30.37
C LEU A 405 -21.64 32.09 -30.54
N LEU A 406 -21.25 33.27 -30.04
CA LEU A 406 -22.08 34.46 -30.17
C LEU A 406 -21.87 35.11 -31.53
N SER A 407 -22.96 35.62 -32.11
CA SER A 407 -22.87 36.28 -33.40
C SER A 407 -22.07 37.57 -33.28
N PRO A 408 -21.24 37.89 -34.28
CA PRO A 408 -20.47 39.14 -34.23
C PRO A 408 -21.31 40.39 -34.41
N ASP A 409 -22.56 40.28 -34.85
CA ASP A 409 -23.41 41.44 -35.04
C ASP A 409 -23.96 42.01 -33.73
N PHE A 410 -23.76 41.31 -32.61
CA PHE A 410 -24.24 41.81 -31.33
C PHE A 410 -23.38 42.98 -30.86
N GLN A 411 -23.99 44.15 -30.73
CA GLN A 411 -23.27 45.34 -30.31
C GLN A 411 -23.17 45.39 -28.79
N GLU A 412 -22.24 46.20 -28.30
CA GLU A 412 -22.00 46.41 -26.87
C GLU A 412 -22.26 47.87 -26.55
N ASP A 413 -23.52 48.19 -26.23
CA ASP A 413 -23.91 49.55 -25.91
C ASP A 413 -23.76 49.79 -24.41
N ASN A 414 -24.29 50.91 -23.92
CA ASN A 414 -24.19 51.28 -22.52
C ASN A 414 -25.35 50.73 -21.68
N GLU A 415 -26.02 49.69 -22.15
CA GLU A 415 -27.10 49.06 -21.40
C GLU A 415 -26.84 47.59 -21.09
N THR A 416 -26.35 46.82 -22.07
CA THR A 416 -26.06 45.41 -21.82
C THR A 416 -24.90 45.25 -20.83
N GLU A 417 -23.90 46.12 -20.92
CA GLU A 417 -22.80 46.09 -19.96
C GLU A 417 -23.28 46.42 -18.56
N ILE A 418 -24.20 47.38 -18.43
CA ILE A 418 -24.77 47.73 -17.14
C ILE A 418 -25.59 46.55 -16.58
N ASN A 419 -26.34 45.87 -17.45
CA ASN A 419 -27.09 44.70 -17.02
C ASN A 419 -26.17 43.58 -16.55
N PHE A 420 -25.06 43.37 -17.27
CA PHE A 420 -24.09 42.34 -16.86
C PHE A 420 -23.44 42.71 -15.53
N LEU A 421 -23.09 43.98 -15.33
CA LEU A 421 -22.51 44.41 -14.07
C LEU A 421 -23.49 44.25 -12.92
N LEU A 422 -24.77 44.57 -13.16
CA LEU A 422 -25.80 44.38 -12.14
C LEU A 422 -25.98 42.90 -11.80
N LYS A 423 -25.95 42.04 -12.82
CA LYS A 423 -26.07 40.60 -12.59
C LYS A 423 -24.88 40.08 -11.78
N GLN A 424 -23.67 40.55 -12.08
CA GLN A 424 -22.50 40.12 -11.31
C GLN A 424 -22.57 40.63 -9.87
N ALA A 425 -22.98 41.88 -9.67
CA ALA A 425 -23.06 42.43 -8.33
C ALA A 425 -24.22 41.83 -7.52
N LEU A 426 -25.24 41.30 -8.19
CA LEU A 426 -26.35 40.69 -7.48
C LEU A 426 -25.96 39.37 -6.83
N THR A 427 -24.86 38.75 -7.25
CA THR A 427 -24.39 37.51 -6.66
C THR A 427 -23.03 37.63 -6.00
N ILE A 428 -22.26 38.69 -6.27
CA ILE A 428 -20.95 38.88 -5.68
C ILE A 428 -20.98 39.92 -4.57
N VAL A 429 -21.50 41.12 -4.88
CA VAL A 429 -21.54 42.19 -3.89
C VAL A 429 -22.56 41.89 -2.80
N GLY A 430 -23.71 41.34 -3.18
CA GLY A 430 -24.84 41.19 -2.27
C GLY A 430 -24.63 40.18 -1.14
N THR A 431 -23.63 39.31 -1.24
CA THR A 431 -23.36 38.34 -0.19
C THR A 431 -22.30 38.80 0.81
N LEU A 432 -21.58 39.87 0.50
CA LEU A 432 -20.58 40.39 1.43
C LEU A 432 -21.17 40.88 2.76
N PRO A 433 -22.25 41.67 2.82
CA PRO A 433 -22.80 42.03 4.14
C PRO A 433 -23.29 40.82 4.93
N PHE A 434 -23.91 39.84 4.27
CA PHE A 434 -24.34 38.64 4.98
C PHE A 434 -23.15 37.86 5.52
N THR A 435 -22.10 37.71 4.73
CA THR A 435 -20.91 36.99 5.18
C THR A 435 -20.25 37.69 6.36
N TYR A 436 -20.09 39.02 6.26
CA TYR A 436 -19.47 39.78 7.34
C TYR A 436 -20.31 39.71 8.61
N MET A 437 -21.62 39.85 8.46
CA MET A 437 -22.50 39.79 9.62
C MET A 437 -22.42 38.42 10.29
N LEU A 438 -22.53 37.36 9.50
CA LEU A 438 -22.51 36.01 10.06
C LEU A 438 -21.19 35.72 10.76
N GLU A 439 -20.07 36.12 10.13
CA GLU A 439 -18.77 35.87 10.74
C GLU A 439 -18.62 36.66 12.04
N LYS A 440 -19.01 37.94 12.05
CA LYS A 440 -18.91 38.76 13.25
C LYS A 440 -19.80 38.21 14.36
N TRP A 441 -21.03 37.80 14.01
CA TRP A 441 -21.94 37.25 15.00
C TRP A 441 -21.37 35.97 15.59
N ARG A 442 -20.92 35.04 14.75
CA ARG A 442 -20.32 33.80 15.25
C ARG A 442 -19.09 34.08 16.11
N TRP A 443 -18.31 35.12 15.75
CA TRP A 443 -17.16 35.50 16.56
C TRP A 443 -17.58 35.89 17.97
N MET A 444 -18.61 36.74 18.10
CA MET A 444 -19.01 37.13 19.45
C MET A 444 -19.70 36.00 20.22
N VAL A 445 -20.46 35.14 19.53
CA VAL A 445 -21.01 33.95 20.20
C VAL A 445 -19.92 33.05 20.74
N PHE A 446 -18.88 32.80 19.94
CA PHE A 446 -17.82 31.91 20.40
C PHE A 446 -16.93 32.58 21.44
N LYS A 447 -16.85 33.91 21.42
CA LYS A 447 -16.07 34.62 22.44
C LYS A 447 -16.80 34.64 23.78
N GLY A 448 -18.12 34.62 23.76
CA GLY A 448 -18.90 34.63 24.99
C GLY A 448 -19.33 35.99 25.49
N GLU A 449 -19.26 37.02 24.65
CA GLU A 449 -19.65 38.37 25.07
C GLU A 449 -21.16 38.54 25.19
N ILE A 450 -21.95 37.59 24.70
CA ILE A 450 -23.41 37.67 24.72
C ILE A 450 -23.92 36.54 25.59
N PRO A 451 -24.86 36.80 26.52
CA PRO A 451 -25.48 35.70 27.27
C PRO A 451 -26.42 34.88 26.40
N LYS A 452 -26.98 33.80 26.95
CA LYS A 452 -27.83 32.91 26.19
C LYS A 452 -29.27 33.40 26.06
N ASP A 453 -29.60 34.56 26.64
CA ASP A 453 -30.95 35.11 26.59
C ASP A 453 -31.10 36.27 25.61
N GLN A 454 -30.01 36.71 24.99
CA GLN A 454 -30.06 37.85 24.08
C GLN A 454 -29.48 37.52 22.70
N TRP A 455 -29.37 36.23 22.37
CA TRP A 455 -28.77 35.84 21.09
C TRP A 455 -29.61 36.32 19.93
N MET A 456 -30.93 36.04 19.97
CA MET A 456 -31.83 36.51 18.93
C MET A 456 -31.94 38.02 18.91
N LYS A 457 -31.98 38.67 20.08
CA LYS A 457 -32.08 40.12 20.12
C LYS A 457 -30.88 40.78 19.46
N LYS A 458 -29.68 40.32 19.80
CA LYS A 458 -28.48 40.86 19.17
C LYS A 458 -28.41 40.53 17.68
N TRP A 459 -28.81 39.30 17.31
CA TRP A 459 -28.77 38.90 15.91
C TRP A 459 -29.69 39.76 15.06
N TRP A 460 -30.91 40.00 15.53
CA TRP A 460 -31.84 40.80 14.75
C TRP A 460 -31.52 42.29 14.80
N GLU A 461 -30.96 42.78 15.92
CA GLU A 461 -30.52 44.17 15.98
C GLU A 461 -29.40 44.43 14.99
N MET A 462 -28.43 43.51 14.91
CA MET A 462 -27.34 43.65 13.96
C MET A 462 -27.76 43.30 12.53
N LYS A 463 -28.86 42.55 12.36
CA LYS A 463 -29.42 42.33 11.04
C LYS A 463 -30.10 43.57 10.50
N ARG A 464 -30.81 44.30 11.37
CA ARG A 464 -31.50 45.51 10.96
C ARG A 464 -30.57 46.70 10.72
N GLU A 465 -29.30 46.59 11.12
CA GLU A 465 -28.33 47.67 10.97
C GLU A 465 -27.26 47.39 9.93
N ILE A 466 -26.59 46.24 10.03
CA ILE A 466 -25.49 45.94 9.12
C ILE A 466 -26.01 45.55 7.74
N VAL A 467 -26.75 44.45 7.67
CA VAL A 467 -27.33 44.03 6.39
C VAL A 467 -28.53 44.90 6.04
N GLY A 468 -29.37 45.20 7.02
CA GLY A 468 -30.55 46.00 6.77
C GLY A 468 -31.70 45.21 6.20
N VAL A 469 -32.17 44.20 6.95
CA VAL A 469 -33.28 43.36 6.55
C VAL A 469 -34.31 43.36 7.66
N VAL A 470 -35.56 43.66 7.33
CA VAL A 470 -36.63 43.72 8.31
C VAL A 470 -37.27 42.34 8.44
N GLU A 471 -37.99 42.14 9.54
CA GLU A 471 -38.67 40.87 9.81
C GLU A 471 -40.17 41.07 9.75
N PRO A 472 -40.90 40.24 8.99
CA PRO A 472 -42.36 40.38 8.96
C PRO A 472 -43.04 40.02 10.27
N VAL A 473 -42.37 39.28 11.15
CA VAL A 473 -42.95 38.89 12.44
C VAL A 473 -41.83 38.77 13.47
N PRO A 474 -42.00 39.33 14.67
CA PRO A 474 -40.97 39.17 15.70
C PRO A 474 -40.80 37.71 16.11
N HIS A 475 -39.57 37.36 16.47
CA HIS A 475 -39.22 36.03 16.93
C HIS A 475 -38.58 36.10 18.31
N ASP A 476 -38.97 35.17 19.17
CA ASP A 476 -38.42 35.10 20.52
C ASP A 476 -37.13 34.28 20.51
N GLU A 477 -36.64 33.92 21.69
CA GLU A 477 -35.37 33.20 21.81
C GLU A 477 -35.49 31.71 21.54
N THR A 478 -36.70 31.20 21.28
CA THR A 478 -36.90 29.78 21.06
C THR A 478 -36.44 29.32 19.68
N TYR A 479 -36.17 30.23 18.75
CA TYR A 479 -35.74 29.90 17.41
C TYR A 479 -34.22 29.96 17.30
N CYS A 480 -33.70 29.37 16.22
CA CYS A 480 -32.29 29.50 15.84
C CYS A 480 -32.21 29.58 14.32
N ASP A 481 -32.26 30.80 13.81
CA ASP A 481 -32.21 31.09 12.37
C ASP A 481 -30.80 31.01 11.77
N PRO A 482 -29.74 31.51 12.42
CA PRO A 482 -28.40 31.29 11.86
C PRO A 482 -27.97 29.83 11.81
N ALA A 483 -28.63 28.94 12.56
CA ALA A 483 -28.31 27.52 12.55
C ALA A 483 -28.95 26.77 11.38
N SER A 484 -29.43 27.49 10.36
CA SER A 484 -30.05 26.88 9.19
C SER A 484 -29.19 27.02 7.94
N LEU A 485 -27.89 27.21 8.10
CA LEU A 485 -26.96 27.35 6.98
C LEU A 485 -26.21 26.05 6.75
N PHE A 486 -25.86 25.81 5.48
CA PHE A 486 -25.14 24.59 5.12
C PHE A 486 -23.72 24.59 5.67
N HIS A 487 -23.07 25.77 5.66
CA HIS A 487 -21.70 25.87 6.12
C HIS A 487 -21.58 25.89 7.65
N VAL A 488 -22.67 26.12 8.37
CA VAL A 488 -22.62 26.16 9.82
C VAL A 488 -23.10 24.86 10.46
N SER A 489 -23.78 24.00 9.72
CA SER A 489 -24.27 22.73 10.25
C SER A 489 -23.30 21.58 10.02
N ASN A 490 -22.19 21.81 9.33
CA ASN A 490 -21.21 20.75 9.06
C ASN A 490 -19.78 21.21 9.32
N ASP A 491 -19.61 22.26 10.13
CA ASP A 491 -18.31 22.70 10.64
C ASP A 491 -17.34 23.10 9.52
N TYR A 492 -17.72 24.15 8.79
CA TYR A 492 -16.79 24.85 7.90
C TYR A 492 -16.86 26.34 8.19
N SER A 493 -15.74 27.02 7.96
CA SER A 493 -15.68 28.46 8.15
C SER A 493 -16.40 29.18 7.02
N PHE A 494 -16.80 30.42 7.30
CA PHE A 494 -17.50 31.25 6.32
C PHE A 494 -16.71 32.49 5.92
N ILE A 495 -15.59 32.79 6.57
CA ILE A 495 -14.76 33.91 6.17
C ILE A 495 -14.05 33.66 4.85
N ARG A 496 -14.01 32.40 4.40
CA ARG A 496 -13.37 32.07 3.13
C ARG A 496 -14.05 32.77 1.96
N TYR A 497 -15.38 32.87 2.00
CA TYR A 497 -16.10 33.60 0.97
C TYR A 497 -15.75 35.09 1.00
N TYR A 498 -15.62 35.66 2.20
CA TYR A 498 -15.25 37.06 2.32
C TYR A 498 -13.86 37.33 1.75
N THR A 499 -12.91 36.41 1.99
CA THR A 499 -11.58 36.58 1.44
C THR A 499 -11.57 36.40 -0.07
N ARG A 500 -12.25 35.37 -0.58
CA ARG A 500 -12.21 35.13 -2.03
C ARG A 500 -12.97 36.19 -2.82
N THR A 501 -13.94 36.87 -2.19
CA THR A 501 -14.65 37.95 -2.89
C THR A 501 -13.70 39.08 -3.28
N LEU A 502 -12.70 39.37 -2.46
CA LEU A 502 -11.66 40.33 -2.83
C LEU A 502 -10.53 39.69 -3.62
N TYR A 503 -10.25 38.41 -3.36
CA TYR A 503 -9.16 37.72 -4.05
C TYR A 503 -9.44 37.60 -5.54
N GLN A 504 -10.70 37.32 -5.91
CA GLN A 504 -11.03 37.19 -7.34
C GLN A 504 -10.79 38.51 -8.08
N PHE A 505 -11.16 39.64 -7.48
CA PHE A 505 -10.99 40.91 -8.15
C PHE A 505 -9.53 41.34 -8.17
N GLN A 506 -8.78 41.03 -7.11
CA GLN A 506 -7.35 41.31 -7.11
C GLN A 506 -6.64 40.50 -8.20
N PHE A 507 -6.97 39.21 -8.33
CA PHE A 507 -6.39 38.38 -9.36
C PHE A 507 -6.80 38.85 -10.76
N GLN A 508 -8.06 39.26 -10.92
CA GLN A 508 -8.51 39.75 -12.23
C GLN A 508 -7.78 41.03 -12.62
N GLU A 509 -7.61 41.95 -11.67
CA GLU A 509 -6.86 43.18 -11.96
C GLU A 509 -5.40 42.87 -12.28
N ALA A 510 -4.80 41.92 -11.55
CA ALA A 510 -3.41 41.55 -11.82
C ALA A 510 -3.25 40.94 -13.20
N LEU A 511 -4.17 40.06 -13.61
CA LEU A 511 -4.08 39.46 -14.93
C LEU A 511 -4.35 40.47 -16.03
N CYS A 512 -5.30 41.38 -15.83
CA CYS A 512 -5.57 42.40 -16.84
C CYS A 512 -4.43 43.39 -16.97
N GLN A 513 -3.71 43.68 -15.87
CA GLN A 513 -2.54 44.53 -15.96
C GLN A 513 -1.36 43.80 -16.60
N ALA A 514 -1.22 42.50 -16.31
CA ALA A 514 -0.14 41.72 -16.90
C ALA A 514 -0.38 41.42 -18.38
N ALA A 515 -1.63 41.45 -18.83
CA ALA A 515 -1.95 41.23 -20.23
C ALA A 515 -1.94 42.51 -21.04
N LYS A 516 -1.56 43.64 -20.43
CA LYS A 516 -1.50 44.95 -21.07
C LYS A 516 -2.86 45.34 -21.67
N HIS A 517 -3.86 45.42 -20.80
CA HIS A 517 -5.21 45.81 -21.16
C HIS A 517 -5.56 47.06 -20.36
N GLU A 518 -5.50 48.22 -21.00
CA GLU A 518 -5.77 49.50 -20.35
C GLU A 518 -7.23 49.93 -20.45
N GLY A 519 -8.09 49.09 -21.01
CA GLY A 519 -9.49 49.43 -21.16
C GLY A 519 -10.29 49.11 -19.91
N PRO A 520 -11.61 48.99 -20.07
CA PRO A 520 -12.46 48.67 -18.92
C PRO A 520 -12.19 47.27 -18.40
N LEU A 521 -12.41 47.10 -17.09
CA LEU A 521 -12.15 45.82 -16.44
C LEU A 521 -13.17 44.77 -16.83
N HIS A 522 -14.43 45.17 -17.03
CA HIS A 522 -15.48 44.20 -17.35
C HIS A 522 -15.37 43.66 -18.77
N LYS A 523 -14.71 44.39 -19.67
CA LYS A 523 -14.46 43.92 -21.02
C LYS A 523 -13.05 43.35 -21.19
N CYS A 524 -12.30 43.23 -20.11
CA CYS A 524 -10.95 42.68 -20.19
C CYS A 524 -11.00 41.18 -20.42
N ASP A 525 -10.08 40.69 -21.25
CA ASP A 525 -10.00 39.27 -21.60
C ASP A 525 -8.58 38.79 -21.38
N ILE A 526 -8.45 37.60 -20.78
CA ILE A 526 -7.15 37.04 -20.44
C ILE A 526 -6.72 35.95 -21.40
N SER A 527 -7.45 35.77 -22.50
CA SER A 527 -7.04 34.79 -23.50
C SER A 527 -5.81 35.29 -24.26
N ASN A 528 -5.09 34.35 -24.87
CA ASN A 528 -3.86 34.56 -25.64
C ASN A 528 -2.71 35.12 -24.80
N SER A 529 -2.88 35.22 -23.48
CA SER A 529 -1.87 35.81 -22.60
C SER A 529 -1.05 34.68 -21.98
N THR A 530 0.16 34.46 -22.49
CA THR A 530 1.02 33.42 -21.97
C THR A 530 1.85 33.89 -20.78
N GLU A 531 2.31 35.14 -20.81
CA GLU A 531 3.12 35.66 -19.71
C GLU A 531 2.29 35.81 -18.44
N ALA A 532 1.02 36.23 -18.57
CA ALA A 532 0.16 36.33 -17.41
C ALA A 532 -0.16 34.95 -16.84
N GLY A 533 -0.37 33.96 -17.72
CA GLY A 533 -0.57 32.61 -17.25
C GLY A 533 0.63 32.03 -16.53
N GLN A 534 1.83 32.30 -17.06
CA GLN A 534 3.05 31.83 -16.39
C GLN A 534 3.24 32.52 -15.05
N LYS A 535 2.97 33.84 -14.98
CA LYS A 535 3.10 34.56 -13.72
C LYS A 535 2.10 34.06 -12.69
N LEU A 536 0.87 33.75 -13.12
CA LEU A 536 -0.11 33.18 -12.21
C LEU A 536 0.29 31.78 -11.74
N PHE A 537 0.80 30.96 -12.66
CA PHE A 537 1.21 29.60 -12.31
C PHE A 537 2.40 29.58 -11.37
N ASN A 538 3.27 30.60 -11.45
CA ASN A 538 4.40 30.69 -10.53
C ASN A 538 3.94 30.84 -9.08
N MET A 539 2.76 31.41 -8.86
CA MET A 539 2.20 31.50 -7.51
C MET A 539 1.30 30.31 -7.21
N LEU A 540 0.59 29.80 -8.21
CA LEU A 540 -0.25 28.63 -8.03
C LEU A 540 0.56 27.40 -7.60
N ARG A 541 1.79 27.29 -8.09
CA ARG A 541 2.63 26.13 -7.77
C ARG A 541 3.09 26.16 -6.31
N LEU A 542 3.22 27.36 -5.72
CA LEU A 542 3.76 27.48 -4.37
C LEU A 542 2.86 26.82 -3.34
N GLY A 543 1.55 27.10 -3.38
CA GLY A 543 0.65 26.50 -2.42
C GLY A 543 0.78 27.16 -1.05
N LYS A 544 0.79 26.33 -0.01
CA LYS A 544 0.91 26.81 1.36
C LYS A 544 2.35 26.90 1.84
N SER A 545 3.33 26.62 0.97
CA SER A 545 4.73 26.70 1.36
C SER A 545 5.15 28.13 1.65
N GLU A 546 4.54 29.11 0.98
CA GLU A 546 4.82 30.51 1.18
C GLU A 546 3.63 31.20 1.85
N PRO A 547 3.87 32.27 2.61
CA PRO A 547 2.76 32.99 3.22
C PRO A 547 1.87 33.65 2.18
N TRP A 548 0.59 33.80 2.54
CA TRP A 548 -0.37 34.41 1.63
C TRP A 548 -0.07 35.88 1.37
N THR A 549 0.58 36.55 2.33
CA THR A 549 0.98 37.94 2.11
C THR A 549 2.00 38.04 0.98
N LEU A 550 2.99 37.15 0.96
CA LEU A 550 3.94 37.13 -0.14
C LEU A 550 3.28 36.66 -1.44
N ALA A 551 2.33 35.71 -1.33
CA ALA A 551 1.61 35.23 -2.50
C ALA A 551 0.71 36.31 -3.10
N LEU A 552 0.34 37.32 -2.32
CA LEU A 552 -0.37 38.48 -2.87
C LEU A 552 0.59 39.57 -3.33
N GLU A 553 1.73 39.72 -2.65
CA GLU A 553 2.70 40.74 -3.02
C GLU A 553 3.35 40.45 -4.37
N ASN A 554 3.65 39.18 -4.65
CA ASN A 554 4.28 38.83 -5.91
C ASN A 554 3.30 38.73 -7.07
N VAL A 555 2.03 39.08 -6.85
CA VAL A 555 1.02 39.01 -7.90
C VAL A 555 0.42 40.40 -8.14
N VAL A 556 -0.12 41.02 -7.10
CA VAL A 556 -0.76 42.32 -7.21
C VAL A 556 0.08 43.45 -6.62
N GLY A 557 1.17 43.14 -5.92
CA GLY A 557 2.00 44.18 -5.33
C GLY A 557 1.50 44.74 -4.02
N ALA A 558 0.67 44.00 -3.29
CA ALA A 558 0.15 44.47 -2.01
C ALA A 558 0.27 43.35 -0.98
N LYS A 559 0.75 43.69 0.21
CA LYS A 559 0.83 42.70 1.28
C LYS A 559 -0.53 42.42 1.88
N ASN A 560 -1.41 43.41 1.91
CA ASN A 560 -2.74 43.27 2.49
C ASN A 560 -3.79 43.47 1.40
N MET A 561 -4.92 42.79 1.56
CA MET A 561 -6.00 42.88 0.58
C MET A 561 -6.68 44.25 0.65
N ASN A 562 -7.32 44.62 -0.45
CA ASN A 562 -7.98 45.92 -0.57
C ASN A 562 -9.15 45.80 -1.52
N VAL A 563 -10.07 46.76 -1.42
CA VAL A 563 -11.27 46.78 -2.23
C VAL A 563 -11.11 47.66 -3.46
N ARG A 564 -9.88 48.03 -3.82
CA ARG A 564 -9.65 48.86 -4.99
C ARG A 564 -10.07 48.20 -6.30
N PRO A 565 -9.70 46.94 -6.61
CA PRO A 565 -10.25 46.32 -7.83
C PRO A 565 -11.76 46.13 -7.78
N LEU A 566 -12.32 45.86 -6.60
CA LEU A 566 -13.76 45.67 -6.47
C LEU A 566 -14.51 46.97 -6.74
N LEU A 567 -13.98 48.10 -6.27
CA LEU A 567 -14.61 49.38 -6.55
C LEU A 567 -14.36 49.82 -7.99
N ASN A 568 -13.20 49.48 -8.56
CA ASN A 568 -12.90 49.89 -9.93
C ASN A 568 -13.67 49.07 -10.95
N TYR A 569 -14.06 47.84 -10.60
CA TYR A 569 -14.76 46.98 -11.56
C TYR A 569 -16.18 47.47 -11.80
N PHE A 570 -16.89 47.87 -10.75
CA PHE A 570 -18.28 48.30 -10.85
C PHE A 570 -18.43 49.81 -10.89
N GLU A 571 -17.41 50.52 -11.38
CA GLU A 571 -17.49 51.98 -11.49
C GLU A 571 -18.60 52.45 -12.43
N PRO A 572 -18.76 51.91 -13.66
CA PRO A 572 -19.95 52.29 -14.43
C PRO A 572 -21.27 51.93 -13.75
N LEU A 573 -21.32 50.78 -13.07
CA LEU A 573 -22.51 50.42 -12.32
C LEU A 573 -22.74 51.36 -11.15
N PHE A 574 -21.66 51.79 -10.49
CA PHE A 574 -21.79 52.76 -9.40
C PHE A 574 -22.31 54.09 -9.90
N THR A 575 -21.80 54.57 -11.05
CA THR A 575 -22.30 55.81 -11.61
C THR A 575 -23.76 55.68 -12.05
N TRP A 576 -24.14 54.53 -12.60
CA TRP A 576 -25.53 54.30 -12.99
C TRP A 576 -26.45 54.30 -11.78
N LEU A 577 -26.02 53.65 -10.69
CA LEU A 577 -26.81 53.67 -9.46
C LEU A 577 -26.88 55.06 -8.85
N LYS A 578 -25.82 55.86 -9.03
CA LYS A 578 -25.83 57.23 -8.52
C LYS A 578 -26.81 58.12 -9.29
N ASP A 579 -26.75 58.08 -10.62
CA ASP A 579 -27.59 58.98 -11.39
C ASP A 579 -29.02 58.50 -11.54
N GLN A 580 -29.28 57.19 -11.36
CA GLN A 580 -30.65 56.70 -11.39
C GLN A 580 -31.39 57.00 -10.09
N ASN A 581 -30.68 57.03 -8.96
CA ASN A 581 -31.30 57.27 -7.66
C ASN A 581 -31.27 58.77 -7.33
N LYS A 582 -31.82 59.56 -8.24
CA LYS A 582 -31.90 61.00 -8.07
C LYS A 582 -33.14 61.44 -7.30
N ASN A 583 -34.12 60.56 -7.12
CA ASN A 583 -35.34 60.89 -6.40
C ASN A 583 -35.74 59.86 -5.36
N SER A 584 -34.99 58.77 -5.24
CA SER A 584 -35.29 57.72 -4.27
C SER A 584 -34.41 57.88 -3.04
N PHE A 585 -34.96 57.48 -1.89
CA PHE A 585 -34.22 57.55 -0.63
C PHE A 585 -33.07 56.54 -0.62
N VAL A 586 -31.92 56.99 -0.14
CA VAL A 586 -30.71 56.16 -0.07
C VAL A 586 -30.49 55.80 1.39
N GLY A 587 -30.45 54.50 1.69
CA GLY A 587 -30.27 54.04 3.05
C GLY A 587 -31.47 53.28 3.57
N TRP A 588 -31.53 53.08 4.88
CA TRP A 588 -32.63 52.36 5.49
C TRP A 588 -32.80 52.81 6.93
N SER A 589 -33.96 52.51 7.50
CA SER A 589 -34.29 52.89 8.87
C SER A 589 -34.43 51.64 9.73
N THR A 590 -33.87 51.71 10.94
CA THR A 590 -33.88 50.59 11.87
C THR A 590 -35.12 50.57 12.77
N ASP A 591 -35.98 51.58 12.66
CA ASP A 591 -37.18 51.66 13.49
C ASP A 591 -38.46 51.36 12.70
N TRP A 592 -38.32 50.71 11.54
CA TRP A 592 -39.46 50.37 10.70
C TRP A 592 -39.81 48.90 10.88
N SER A 593 -41.11 48.61 10.89
CA SER A 593 -41.61 47.26 11.06
C SER A 593 -42.93 47.11 10.31
N PRO A 594 -43.05 46.13 9.42
CA PRO A 594 -44.31 45.96 8.69
C PRO A 594 -45.47 45.49 9.56
N TYR A 595 -45.19 44.84 10.70
CA TYR A 595 -46.24 44.36 11.58
C TYR A 595 -46.79 45.45 12.49
N ALA A 596 -46.15 46.61 12.54
CA ALA A 596 -46.61 47.71 13.38
C ALA A 596 -47.58 48.65 12.66
N ASP A 597 -47.81 48.43 11.37
CA ASP A 597 -48.73 49.28 10.61
C ASP A 597 -50.18 48.86 10.83
N ASN B 1 25.69 -15.97 -32.67
CA ASN B 1 24.40 -16.10 -32.03
C ASN B 1 23.96 -14.83 -31.28
N LEU B 2 22.65 -14.64 -31.17
CA LEU B 2 22.11 -13.44 -30.56
C LEU B 2 22.20 -13.51 -29.05
N CYS B 3 22.57 -12.39 -28.44
CA CYS B 3 22.60 -12.31 -26.99
C CYS B 3 21.18 -12.36 -26.42
N PRO B 4 21.00 -12.99 -25.26
CA PRO B 4 19.65 -13.05 -24.67
C PRO B 4 19.20 -11.70 -24.13
N PHE B 5 18.31 -11.03 -24.88
CA PHE B 5 17.76 -9.75 -24.47
C PHE B 5 16.24 -9.72 -24.44
N GLY B 6 15.56 -10.60 -25.17
CA GLY B 6 14.10 -10.60 -25.14
C GLY B 6 13.52 -10.98 -23.80
N GLU B 7 14.08 -12.02 -23.16
CA GLU B 7 13.58 -12.44 -21.87
C GLU B 7 13.98 -11.48 -20.75
N VAL B 8 14.98 -10.64 -20.97
CA VAL B 8 15.30 -9.59 -20.00
C VAL B 8 14.20 -8.53 -20.01
N PHE B 9 13.76 -8.11 -21.20
CA PHE B 9 12.77 -7.06 -21.30
C PHE B 9 11.35 -7.58 -21.12
N ASN B 10 11.10 -8.84 -21.49
CA ASN B 10 9.80 -9.47 -21.31
C ASN B 10 9.73 -10.33 -20.07
N ALA B 11 10.53 -10.00 -19.05
CA ALA B 11 10.51 -10.76 -17.81
C ALA B 11 9.19 -10.54 -17.07
N THR B 12 8.67 -11.62 -16.49
CA THR B 12 7.37 -11.55 -15.82
C THR B 12 7.43 -10.69 -14.56
N ARG B 13 8.47 -10.86 -13.75
CA ARG B 13 8.64 -10.09 -12.51
C ARG B 13 10.00 -9.42 -12.52
N PHE B 14 10.03 -8.13 -12.83
CA PHE B 14 11.23 -7.33 -12.62
C PHE B 14 11.53 -7.17 -11.14
N ALA B 15 12.81 -7.05 -10.82
CA ALA B 15 13.23 -6.91 -9.44
C ALA B 15 12.96 -5.49 -8.94
N SER B 16 13.00 -5.34 -7.61
CA SER B 16 12.78 -4.05 -6.99
C SER B 16 14.02 -3.17 -7.13
N VAL B 17 13.85 -1.89 -6.76
CA VAL B 17 14.94 -0.94 -6.94
C VAL B 17 15.99 -1.03 -5.83
N TYR B 18 15.64 -1.60 -4.67
CA TYR B 18 16.64 -1.79 -3.63
C TYR B 18 17.56 -2.96 -3.92
N ALA B 19 17.06 -3.98 -4.62
CA ALA B 19 17.84 -5.13 -5.05
C ALA B 19 17.53 -5.36 -6.52
N TRP B 20 18.27 -4.71 -7.40
CA TRP B 20 18.00 -4.77 -8.83
C TRP B 20 18.62 -6.01 -9.45
N ASN B 21 17.96 -6.52 -10.48
CA ASN B 21 18.43 -7.71 -11.18
C ASN B 21 19.62 -7.35 -12.06
N ARG B 22 20.75 -8.01 -11.84
CA ARG B 22 21.99 -7.73 -12.55
C ARG B 22 22.36 -8.92 -13.42
N LYS B 23 22.57 -8.67 -14.71
CA LYS B 23 22.87 -9.71 -15.67
C LYS B 23 24.13 -9.34 -16.46
N ARG B 24 24.92 -10.36 -16.81
CA ARG B 24 26.14 -10.19 -17.57
C ARG B 24 25.95 -10.74 -18.98
N ILE B 25 26.28 -9.93 -19.98
CA ILE B 25 26.13 -10.29 -21.38
C ILE B 25 27.51 -10.34 -22.01
N SER B 26 27.86 -11.49 -22.56
CA SER B 26 29.19 -11.68 -23.14
C SER B 26 29.17 -12.83 -24.13
N ASN B 27 30.21 -12.89 -24.96
CA ASN B 27 30.47 -13.99 -25.89
C ASN B 27 29.32 -14.20 -26.87
N CYS B 28 28.76 -13.10 -27.37
CA CYS B 28 27.70 -13.14 -28.37
C CYS B 28 27.67 -11.78 -29.06
N VAL B 29 26.81 -11.66 -30.07
CA VAL B 29 26.60 -10.41 -30.78
C VAL B 29 25.26 -9.83 -30.37
N ALA B 30 25.27 -8.58 -29.91
CA ALA B 30 24.07 -7.90 -29.44
C ALA B 30 23.78 -6.73 -30.36
N ASP B 31 22.65 -6.78 -31.06
CA ASP B 31 22.24 -5.71 -31.96
C ASP B 31 21.36 -4.76 -31.18
N TYR B 32 21.96 -3.65 -30.73
CA TYR B 32 21.20 -2.61 -30.03
C TYR B 32 20.27 -1.84 -30.94
N SER B 33 20.40 -2.00 -32.26
CA SER B 33 19.51 -1.33 -33.20
C SER B 33 18.08 -1.85 -33.12
N VAL B 34 17.88 -3.08 -32.64
CA VAL B 34 16.53 -3.61 -32.47
C VAL B 34 15.77 -2.80 -31.42
N LEU B 35 16.43 -2.48 -30.31
CA LEU B 35 15.80 -1.71 -29.24
C LEU B 35 15.44 -0.31 -29.72
N TYR B 36 16.31 0.31 -30.50
CA TYR B 36 16.04 1.66 -31.01
C TYR B 36 14.94 1.64 -32.06
N ASN B 37 14.97 0.66 -32.97
CA ASN B 37 13.99 0.62 -34.04
C ASN B 37 12.61 0.20 -33.54
N SER B 38 12.54 -0.57 -32.45
CA SER B 38 11.25 -0.91 -31.87
C SER B 38 10.56 0.34 -31.31
N ALA B 39 11.31 1.20 -30.63
CA ALA B 39 10.82 2.48 -30.10
C ALA B 39 9.62 2.30 -29.19
N SER B 40 9.64 1.22 -28.39
CA SER B 40 8.56 0.91 -27.47
C SER B 40 8.85 1.40 -26.05
N PHE B 41 9.80 2.31 -25.90
CA PHE B 41 10.20 2.84 -24.60
C PHE B 41 10.13 4.35 -24.61
N SER B 42 9.63 4.92 -23.51
CA SER B 42 9.53 6.37 -23.41
C SER B 42 10.89 7.03 -23.26
N THR B 43 11.86 6.31 -22.70
CA THR B 43 13.17 6.86 -22.40
C THR B 43 14.26 6.08 -23.13
N PHE B 44 15.07 6.79 -23.92
CA PHE B 44 16.19 6.20 -24.64
C PHE B 44 17.43 7.08 -24.55
N LYS B 45 17.62 7.74 -23.41
CA LYS B 45 18.75 8.63 -23.22
C LYS B 45 20.00 7.84 -22.82
N CYS B 46 21.12 8.12 -23.48
CA CYS B 46 22.37 7.39 -23.28
C CYS B 46 23.52 8.38 -23.17
N TYR B 47 23.97 8.63 -21.95
CA TYR B 47 25.19 9.41 -21.74
C TYR B 47 26.42 8.52 -21.79
N GLY B 48 27.53 9.11 -22.22
CA GLY B 48 28.80 8.43 -22.31
C GLY B 48 29.04 7.74 -23.63
N VAL B 49 27.99 7.51 -24.43
CA VAL B 49 28.12 6.88 -25.73
C VAL B 49 26.99 7.42 -26.60
N SER B 50 27.25 7.53 -27.90
CA SER B 50 26.26 8.06 -28.81
C SER B 50 25.08 7.09 -28.93
N PRO B 51 23.85 7.60 -29.09
CA PRO B 51 22.68 6.70 -29.14
C PRO B 51 22.64 5.79 -30.35
N THR B 52 23.45 6.03 -31.38
CA THR B 52 23.42 5.20 -32.58
C THR B 52 24.74 4.48 -32.85
N LYS B 53 25.88 5.12 -32.60
CA LYS B 53 27.17 4.54 -32.95
C LYS B 53 27.67 3.51 -31.93
N LEU B 54 26.85 3.11 -30.96
CA LEU B 54 27.26 2.04 -30.07
C LEU B 54 27.10 0.66 -30.69
N ASN B 55 26.27 0.54 -31.73
CA ASN B 55 25.97 -0.77 -32.30
C ASN B 55 27.17 -1.35 -33.05
N ASP B 56 27.79 -0.55 -33.92
CA ASP B 56 28.90 -1.05 -34.72
C ASP B 56 30.20 -1.18 -33.94
N LEU B 57 30.32 -0.50 -32.81
CA LEU B 57 31.50 -0.64 -31.97
C LEU B 57 31.47 -1.97 -31.22
N CYS B 58 32.65 -2.48 -30.89
CA CYS B 58 32.80 -3.73 -30.17
C CYS B 58 33.22 -3.45 -28.73
N PHE B 59 32.49 -4.03 -27.79
CA PHE B 59 32.79 -3.93 -26.37
C PHE B 59 33.23 -5.29 -25.84
N THR B 60 33.60 -5.32 -24.57
CA THR B 60 34.04 -6.56 -23.92
C THR B 60 32.89 -7.28 -23.22
N ASN B 61 32.26 -6.64 -22.25
CA ASN B 61 31.17 -7.23 -21.49
C ASN B 61 30.10 -6.18 -21.29
N VAL B 62 28.86 -6.64 -21.08
CA VAL B 62 27.71 -5.77 -20.87
C VAL B 62 27.06 -6.13 -19.55
N TYR B 63 26.71 -5.11 -18.76
CA TYR B 63 25.95 -5.26 -17.54
C TYR B 63 24.55 -4.70 -17.73
N ALA B 64 23.53 -5.49 -17.39
CA ALA B 64 22.14 -5.08 -17.43
C ALA B 64 21.59 -5.01 -16.02
N ASP B 65 21.11 -3.83 -15.63
CA ASP B 65 20.61 -3.59 -14.27
C ASP B 65 19.16 -3.15 -14.36
N SER B 66 18.23 -4.08 -14.13
CA SER B 66 16.81 -3.85 -14.31
C SER B 66 16.11 -3.62 -12.97
N PHE B 67 15.23 -2.61 -12.94
CA PHE B 67 14.44 -2.30 -11.75
C PHE B 67 13.22 -1.49 -12.19
N VAL B 68 12.30 -1.29 -11.25
CA VAL B 68 11.05 -0.58 -11.51
C VAL B 68 10.96 0.60 -10.54
N ILE B 69 10.78 1.80 -11.09
CA ILE B 69 10.57 3.02 -10.32
C ILE B 69 9.27 3.66 -10.80
N ARG B 70 8.86 4.72 -10.09
CA ARG B 70 7.69 5.49 -10.47
C ARG B 70 8.05 6.44 -11.60
N GLY B 71 7.17 7.40 -11.88
CA GLY B 71 7.34 8.27 -13.03
C GLY B 71 8.32 9.42 -12.90
N ASP B 72 8.29 10.14 -11.78
CA ASP B 72 9.07 11.38 -11.67
C ASP B 72 10.51 11.16 -11.25
N GLU B 73 10.93 9.94 -10.95
CA GLU B 73 12.32 9.63 -10.65
C GLU B 73 13.05 9.02 -11.84
N VAL B 74 12.42 8.98 -13.02
CA VAL B 74 13.15 8.64 -14.23
C VAL B 74 14.17 9.72 -14.53
N ARG B 75 13.84 10.98 -14.25
CA ARG B 75 14.80 12.07 -14.33
C ARG B 75 15.94 11.87 -13.34
N GLN B 76 15.67 11.26 -12.19
CA GLN B 76 16.69 11.07 -11.17
C GLN B 76 17.76 10.07 -11.59
N ILE B 77 17.47 9.20 -12.56
CA ILE B 77 18.46 8.24 -13.04
C ILE B 77 19.34 8.94 -14.06
N ALA B 78 20.37 9.62 -13.59
CA ALA B 78 21.30 10.38 -14.41
C ALA B 78 22.54 10.73 -13.58
N PRO B 79 23.72 10.84 -14.21
CA PRO B 79 24.90 11.27 -13.46
C PRO B 79 24.77 12.70 -12.95
N GLY B 80 25.02 12.87 -11.65
CA GLY B 80 24.91 14.16 -11.00
C GLY B 80 23.57 14.43 -10.34
N GLN B 81 22.59 13.55 -10.54
CA GLN B 81 21.28 13.72 -9.94
C GLN B 81 21.24 13.08 -8.56
N THR B 82 20.52 13.72 -7.63
CA THR B 82 20.38 13.23 -6.27
C THR B 82 18.91 13.02 -5.95
N GLY B 83 18.65 12.13 -5.00
CA GLY B 83 17.28 11.84 -4.59
C GLY B 83 17.28 10.72 -3.58
N LYS B 84 16.09 10.43 -3.07
CA LYS B 84 15.93 9.35 -2.10
C LYS B 84 16.09 7.98 -2.75
N ILE B 85 15.95 7.88 -4.07
CA ILE B 85 16.20 6.63 -4.77
C ILE B 85 17.51 6.67 -5.57
N ALA B 86 17.83 7.80 -6.20
CA ALA B 86 19.00 7.90 -7.06
C ALA B 86 20.31 7.95 -6.27
N ASP B 87 20.25 8.11 -4.95
CA ASP B 87 21.42 8.08 -4.10
C ASP B 87 21.42 6.87 -3.17
N TYR B 88 20.26 6.52 -2.63
CA TYR B 88 20.17 5.45 -1.65
C TYR B 88 19.92 4.08 -2.26
N ASN B 89 19.56 3.99 -3.53
CA ASN B 89 19.29 2.70 -4.17
C ASN B 89 20.28 2.39 -5.29
N TYR B 90 20.44 3.28 -6.26
CA TYR B 90 21.34 3.04 -7.37
C TYR B 90 21.92 4.38 -7.81
N LYS B 91 23.17 4.64 -7.43
CA LYS B 91 23.83 5.90 -7.76
C LYS B 91 24.62 5.70 -9.05
N LEU B 92 24.12 6.26 -10.15
CA LEU B 92 24.81 6.18 -11.42
C LEU B 92 26.05 7.09 -11.38
N PRO B 93 27.22 6.57 -11.70
CA PRO B 93 28.44 7.39 -11.60
C PRO B 93 28.47 8.50 -12.65
N ASP B 94 29.29 9.51 -12.36
CA ASP B 94 29.43 10.65 -13.25
C ASP B 94 30.11 10.28 -14.57
N ASP B 95 30.89 9.20 -14.59
CA ASP B 95 31.55 8.73 -15.81
C ASP B 95 30.80 7.56 -16.44
N PHE B 96 29.46 7.60 -16.38
CA PHE B 96 28.64 6.55 -16.98
C PHE B 96 28.85 6.51 -18.49
N THR B 97 29.04 5.29 -19.02
CA THR B 97 29.40 5.08 -20.42
C THR B 97 28.51 4.02 -21.03
N GLY B 98 27.19 4.16 -20.83
CA GLY B 98 26.23 3.21 -21.37
C GLY B 98 24.93 3.89 -21.72
N CYS B 99 23.82 3.23 -21.41
CA CYS B 99 22.50 3.79 -21.69
C CYS B 99 21.50 3.28 -20.68
N VAL B 100 20.41 4.03 -20.51
CA VAL B 100 19.34 3.72 -19.59
C VAL B 100 18.03 3.70 -20.35
N ILE B 101 17.26 2.62 -20.21
CA ILE B 101 16.01 2.44 -20.94
C ILE B 101 14.88 2.32 -19.93
N ALA B 102 13.84 3.14 -20.11
CA ALA B 102 12.66 3.11 -19.25
C ALA B 102 11.41 3.09 -20.10
N TRP B 103 10.46 2.22 -19.76
CA TRP B 103 9.19 2.13 -20.46
C TRP B 103 8.07 1.89 -19.46
N ASN B 104 6.86 2.31 -19.84
CA ASN B 104 5.69 2.22 -18.97
C ASN B 104 5.11 0.81 -19.01
N SER B 105 4.80 0.26 -17.84
CA SER B 105 4.24 -1.09 -17.73
C SER B 105 3.09 -1.09 -16.72
N ASN B 106 2.17 -0.14 -16.88
CA ASN B 106 1.04 -0.05 -15.95
C ASN B 106 0.08 -1.23 -16.06
N ASN B 107 0.09 -1.95 -17.18
CA ASN B 107 -0.80 -3.08 -17.39
C ASN B 107 -0.23 -4.40 -16.86
N LEU B 108 1.02 -4.41 -16.42
CA LEU B 108 1.66 -5.64 -15.94
C LEU B 108 2.28 -5.54 -14.56
N ASP B 109 2.52 -4.33 -14.04
CA ASP B 109 3.13 -4.17 -12.72
C ASP B 109 2.17 -3.51 -11.74
N SER B 110 0.87 -3.49 -12.04
CA SER B 110 -0.10 -2.90 -11.14
C SER B 110 -1.46 -3.57 -11.35
N LYS B 111 -2.27 -3.56 -10.30
CA LYS B 111 -3.61 -4.12 -10.35
C LYS B 111 -4.48 -3.38 -9.35
N VAL B 112 -5.77 -3.72 -9.33
CA VAL B 112 -6.71 -3.05 -8.44
C VAL B 112 -6.44 -3.47 -7.00
N GLY B 113 -6.79 -2.59 -6.06
CA GLY B 113 -6.57 -2.83 -4.66
C GLY B 113 -5.26 -2.34 -4.11
N GLY B 114 -4.31 -1.97 -4.97
CA GLY B 114 -3.02 -1.49 -4.52
C GLY B 114 -1.92 -2.52 -4.64
N ASN B 115 -0.99 -2.31 -5.56
CA ASN B 115 0.13 -3.22 -5.75
C ASN B 115 1.29 -2.79 -4.86
N TYR B 116 1.65 -3.64 -3.90
CA TYR B 116 2.73 -3.35 -2.96
C TYR B 116 3.92 -4.29 -3.16
N ASN B 117 3.98 -4.99 -4.31
CA ASN B 117 5.02 -5.98 -4.52
C ASN B 117 6.40 -5.36 -4.68
N TYR B 118 6.46 -4.13 -5.20
CA TYR B 118 7.74 -3.46 -5.43
C TYR B 118 8.05 -2.54 -4.25
N LEU B 119 9.28 -2.61 -3.76
CA LEU B 119 9.72 -1.83 -2.62
C LEU B 119 10.79 -0.84 -3.06
N TYR B 120 11.23 -0.01 -2.11
CA TYR B 120 12.28 0.97 -2.35
C TYR B 120 12.93 1.32 -1.02
N ARG B 121 14.13 1.88 -1.09
CA ARG B 121 14.87 2.30 0.10
C ARG B 121 14.70 3.79 0.29
N LEU B 122 14.40 4.20 1.52
CA LEU B 122 14.05 5.59 1.83
C LEU B 122 15.09 6.30 2.67
N PHE B 123 15.61 5.68 3.72
CA PHE B 123 16.54 6.31 4.64
C PHE B 123 17.86 5.55 4.67
N ARG B 124 18.96 6.29 4.67
CA ARG B 124 20.29 5.71 4.80
C ARG B 124 21.14 6.56 5.73
N LYS B 125 22.12 5.92 6.36
CA LYS B 125 23.01 6.64 7.25
C LYS B 125 23.98 7.53 6.47
N SER B 126 24.42 7.08 5.30
CA SER B 126 25.36 7.84 4.49
C SER B 126 25.11 7.52 3.02
N ASN B 127 25.97 8.03 2.15
CA ASN B 127 25.84 7.81 0.72
C ASN B 127 26.41 6.45 0.34
N LEU B 128 26.18 6.07 -0.92
CA LEU B 128 26.64 4.80 -1.45
C LEU B 128 27.50 5.02 -2.69
N LYS B 129 28.51 4.18 -2.85
CA LYS B 129 29.37 4.24 -4.02
C LYS B 129 28.60 3.76 -5.26
N PRO B 130 29.05 4.15 -6.45
CA PRO B 130 28.40 3.66 -7.67
C PRO B 130 28.55 2.15 -7.83
N PHE B 131 27.58 1.56 -8.53
CA PHE B 131 27.51 0.12 -8.78
C PHE B 131 27.51 -0.67 -7.47
N GLU B 132 26.73 -0.19 -6.49
CA GLU B 132 26.62 -0.83 -5.19
C GLU B 132 25.16 -1.08 -4.87
N ARG B 133 24.86 -2.25 -4.34
CA ARG B 133 23.51 -2.64 -3.92
C ARG B 133 23.45 -2.68 -2.40
N ASP B 134 22.34 -2.21 -1.84
CA ASP B 134 22.13 -2.20 -0.40
C ASP B 134 20.81 -2.92 -0.09
N ILE B 135 20.91 -4.12 0.46
CA ILE B 135 19.75 -4.89 0.87
C ILE B 135 19.64 -4.96 2.40
N SER B 136 20.38 -4.11 3.11
CA SER B 136 20.36 -4.12 4.56
C SER B 136 19.02 -3.62 5.08
N THR B 137 18.37 -4.42 5.92
CA THR B 137 17.09 -4.09 6.52
C THR B 137 17.23 -3.60 7.96
N GLU B 138 18.45 -3.28 8.39
CA GLU B 138 18.69 -2.86 9.76
C GLU B 138 18.06 -1.48 9.94
N ILE B 139 17.37 -1.27 11.05
CA ILE B 139 16.57 -0.06 11.26
C ILE B 139 17.46 1.17 11.28
N TYR B 140 17.11 2.17 10.45
CA TYR B 140 17.87 3.40 10.38
C TYR B 140 17.67 4.21 11.67
N GLN B 141 18.76 4.42 12.40
CA GLN B 141 18.72 5.18 13.64
C GLN B 141 18.84 6.66 13.33
N ALA B 142 17.78 7.42 13.63
CA ALA B 142 17.77 8.84 13.31
C ALA B 142 18.47 9.67 14.37
N GLY B 143 18.09 9.50 15.64
CA GLY B 143 18.61 10.28 16.73
C GLY B 143 19.62 9.53 17.57
N SER B 144 19.84 10.01 18.79
CA SER B 144 20.82 9.42 19.69
C SER B 144 20.30 8.19 20.43
N THR B 145 18.99 7.97 20.44
CA THR B 145 18.43 6.85 21.18
C THR B 145 18.63 5.55 20.41
N PRO B 146 19.34 4.57 20.96
CA PRO B 146 19.49 3.26 20.30
C PRO B 146 18.28 2.38 20.60
N CYS B 147 17.45 2.16 19.58
CA CYS B 147 16.27 1.33 19.74
C CYS B 147 16.57 -0.17 19.67
N ASN B 148 17.76 -0.53 19.16
CA ASN B 148 18.24 -1.92 19.12
C ASN B 148 17.27 -2.84 18.39
N GLY B 149 16.72 -2.36 17.27
CA GLY B 149 15.89 -3.18 16.42
C GLY B 149 14.41 -3.13 16.66
N VAL B 150 13.93 -2.22 17.52
CA VAL B 150 12.51 -2.07 17.79
C VAL B 150 12.04 -0.77 17.15
N GLU B 151 10.99 -0.85 16.34
CA GLU B 151 10.50 0.32 15.62
C GLU B 151 9.87 1.31 16.57
N GLY B 152 10.24 2.58 16.45
CA GLY B 152 9.72 3.60 17.35
C GLY B 152 10.26 5.00 17.11
N PHE B 153 10.54 5.71 18.21
CA PHE B 153 10.97 7.09 18.12
C PHE B 153 12.44 7.17 17.70
N ASN B 154 12.71 8.03 16.72
CA ASN B 154 14.03 8.18 16.08
C ASN B 154 14.54 6.84 15.54
N CYS B 155 13.62 6.05 15.00
CA CYS B 155 13.95 4.76 14.38
C CYS B 155 12.85 4.49 13.34
N TYR B 156 13.21 4.59 12.07
CA TYR B 156 12.30 4.29 10.98
C TYR B 156 12.96 3.32 10.01
N PHE B 157 12.14 2.47 9.40
CA PHE B 157 12.65 1.43 8.52
C PHE B 157 13.14 2.03 7.21
N PRO B 158 14.31 1.62 6.70
CA PRO B 158 14.78 2.14 5.41
C PRO B 158 13.90 1.75 4.23
N LEU B 159 13.28 0.58 4.26
CA LEU B 159 12.55 0.05 3.12
C LEU B 159 11.06 0.27 3.32
N GLN B 160 10.45 1.02 2.41
CA GLN B 160 9.01 1.27 2.37
C GLN B 160 8.39 0.54 1.17
N SER B 161 7.10 0.78 0.97
CA SER B 161 6.34 0.18 -0.11
C SER B 161 5.92 1.23 -1.13
N TYR B 162 5.82 0.81 -2.38
CA TYR B 162 5.48 1.71 -3.48
C TYR B 162 3.98 1.95 -3.53
N GLY B 163 3.53 2.69 -4.54
CA GLY B 163 2.12 3.01 -4.70
C GLY B 163 1.62 2.73 -6.10
N PHE B 164 2.05 1.61 -6.69
CA PHE B 164 1.70 1.29 -8.07
C PHE B 164 0.23 0.89 -8.16
N GLN B 165 -0.53 1.66 -8.93
CA GLN B 165 -1.91 1.36 -9.25
C GLN B 165 -2.17 1.74 -10.71
N PRO B 166 -3.04 1.00 -11.40
CA PRO B 166 -3.28 1.28 -12.83
C PRO B 166 -4.08 2.55 -13.08
N THR B 167 -4.70 3.14 -12.05
CA THR B 167 -5.53 4.32 -12.22
C THR B 167 -4.80 5.61 -11.84
N ASN B 168 -3.49 5.56 -11.67
CA ASN B 168 -2.72 6.73 -11.31
C ASN B 168 -2.20 7.44 -12.55
N GLY B 169 -1.56 8.60 -12.33
CA GLY B 169 -0.99 9.37 -13.40
C GLY B 169 0.33 8.79 -13.88
N VAL B 170 0.87 9.42 -14.94
CA VAL B 170 2.13 8.96 -15.51
C VAL B 170 3.31 9.27 -14.60
N GLY B 171 3.14 10.19 -13.64
CA GLY B 171 4.20 10.51 -12.71
C GLY B 171 4.36 9.55 -11.55
N TYR B 172 3.39 8.65 -11.34
CA TYR B 172 3.47 7.67 -10.27
C TYR B 172 3.16 6.26 -10.78
N GLN B 173 3.17 6.06 -12.09
CA GLN B 173 2.95 4.76 -12.69
C GLN B 173 4.23 3.93 -12.67
N PRO B 174 4.12 2.59 -12.66
CA PRO B 174 5.33 1.76 -12.66
C PRO B 174 6.04 1.79 -14.00
N TYR B 175 7.29 2.27 -13.98
CA TYR B 175 8.14 2.31 -15.16
C TYR B 175 9.30 1.34 -14.97
N ARG B 176 9.46 0.42 -15.93
CA ARG B 176 10.54 -0.56 -15.88
C ARG B 176 11.81 0.09 -16.42
N VAL B 177 12.80 0.29 -15.55
CA VAL B 177 14.03 0.99 -15.89
C VAL B 177 15.17 -0.01 -15.87
N VAL B 178 15.84 -0.15 -17.01
CA VAL B 178 17.04 -0.98 -17.10
C VAL B 178 18.23 -0.08 -17.39
N VAL B 179 19.40 -0.51 -16.92
CA VAL B 179 20.64 0.23 -17.09
C VAL B 179 21.65 -0.67 -17.79
N LEU B 180 22.16 -0.20 -18.92
CA LEU B 180 23.19 -0.91 -19.67
C LEU B 180 24.53 -0.22 -19.46
N SER B 181 25.55 -0.98 -19.07
CA SER B 181 26.87 -0.46 -18.79
C SER B 181 27.89 -1.19 -19.65
N PHE B 182 28.75 -0.43 -20.32
CA PHE B 182 29.81 -0.97 -21.15
C PHE B 182 31.14 -0.79 -20.45
N GLU B 183 31.90 -1.89 -20.32
CA GLU B 183 33.24 -1.86 -19.75
C GLU B 183 34.26 -2.03 -20.85
N LEU B 184 35.23 -1.12 -20.91
CA LEU B 184 36.28 -1.11 -21.92
C LEU B 184 37.65 -1.35 -21.30
N LEU B 185 37.74 -2.32 -20.40
CA LEU B 185 38.96 -2.60 -19.68
C LEU B 185 39.97 -3.29 -20.60
N HIS B 186 41.11 -3.69 -20.03
CA HIS B 186 42.18 -4.33 -20.79
C HIS B 186 41.85 -5.80 -21.05
N ALA B 187 40.79 -6.01 -21.82
CA ALA B 187 40.28 -7.32 -22.16
C ALA B 187 39.88 -7.33 -23.63
N PRO B 188 39.98 -8.48 -24.30
CA PRO B 188 39.55 -8.53 -25.71
C PRO B 188 38.04 -8.43 -25.83
N ALA B 189 37.61 -7.88 -26.97
CA ALA B 189 36.19 -7.63 -27.19
C ALA B 189 35.43 -8.94 -27.43
N THR B 190 34.29 -9.10 -26.76
CA THR B 190 33.45 -10.27 -26.93
C THR B 190 32.07 -9.97 -27.49
N VAL B 191 31.59 -8.74 -27.39
CA VAL B 191 30.27 -8.36 -27.89
C VAL B 191 30.45 -7.31 -28.99
N CYS B 192 29.78 -7.52 -30.11
CA CYS B 192 29.86 -6.63 -31.27
C CYS B 192 28.45 -6.44 -31.81
N GLY B 193 28.36 -5.86 -33.00
CA GLY B 193 27.08 -5.65 -33.67
C GLY B 193 27.06 -6.11 -35.11
N VAL C 2 19.45 -15.81 18.30
CA VAL C 2 18.32 -16.44 18.98
C VAL C 2 18.04 -17.81 18.40
N GLN C 3 16.97 -18.45 18.87
CA GLN C 3 16.57 -19.76 18.42
C GLN C 3 15.19 -19.70 17.79
N LEU C 4 14.98 -20.53 16.76
CA LEU C 4 13.72 -20.58 16.04
C LEU C 4 13.08 -21.94 16.26
N VAL C 5 11.82 -21.94 16.69
CA VAL C 5 11.09 -23.15 17.06
C VAL C 5 10.07 -23.45 15.96
N GLU C 6 10.04 -24.69 15.50
CA GLU C 6 9.12 -25.15 14.47
C GLU C 6 8.23 -26.24 15.02
N SER C 7 7.18 -26.56 14.27
CA SER C 7 6.24 -27.60 14.67
C SER C 7 6.83 -28.98 14.44
N GLY C 8 6.12 -29.99 14.93
CA GLY C 8 6.53 -31.38 14.77
C GLY C 8 6.26 -31.88 13.37
N ALA C 9 6.35 -33.20 13.22
CA ALA C 9 6.14 -33.86 11.94
C ALA C 9 4.74 -34.46 11.89
N GLU C 10 4.03 -34.20 10.79
CA GLU C 10 2.73 -34.81 10.54
C GLU C 10 2.76 -35.49 9.18
N VAL C 11 1.93 -36.51 9.02
CA VAL C 11 1.68 -37.12 7.73
C VAL C 11 0.54 -36.36 7.05
N LYS C 12 0.49 -36.44 5.72
CA LYS C 12 -0.51 -35.71 4.95
C LYS C 12 -1.04 -36.61 3.85
N LYS C 13 -2.01 -36.09 3.10
CA LYS C 13 -2.69 -36.78 2.03
C LYS C 13 -2.57 -35.98 0.73
N PRO C 14 -2.79 -36.63 -0.43
CA PRO C 14 -2.89 -35.87 -1.67
C PRO C 14 -3.98 -34.81 -1.60
N GLY C 15 -3.70 -33.65 -2.19
CA GLY C 15 -4.53 -32.49 -1.97
C GLY C 15 -4.22 -31.85 -0.63
N SER C 16 -5.25 -31.30 0.01
CA SER C 16 -5.21 -30.75 1.37
C SER C 16 -4.16 -29.64 1.51
N SER C 17 -3.79 -29.34 2.75
CA SER C 17 -2.88 -28.24 3.03
C SER C 17 -2.16 -28.50 4.34
N VAL C 18 -1.08 -27.74 4.56
CA VAL C 18 -0.34 -27.76 5.82
C VAL C 18 -0.30 -26.34 6.38
N LYS C 19 0.08 -26.25 7.66
CA LYS C 19 0.16 -24.99 8.40
C LYS C 19 1.47 -24.92 9.18
N VAL C 20 2.58 -25.16 8.48
CA VAL C 20 3.90 -25.06 9.10
C VAL C 20 4.12 -23.66 9.65
N SER C 21 4.62 -23.59 10.87
CA SER C 21 4.81 -22.32 11.57
C SER C 21 6.27 -22.16 11.99
N CYS C 22 6.55 -21.01 12.58
CA CYS C 22 7.89 -20.69 13.09
C CYS C 22 7.73 -19.71 14.24
N LYS C 23 8.64 -19.80 15.21
CA LYS C 23 8.60 -18.93 16.37
C LYS C 23 10.02 -18.63 16.84
N ALA C 24 10.34 -17.35 16.97
CA ALA C 24 11.68 -16.92 17.37
C ALA C 24 11.68 -16.64 18.86
N SER C 25 12.56 -17.31 19.59
CA SER C 25 12.66 -17.12 21.03
C SER C 25 13.26 -15.76 21.35
N GLY C 26 12.76 -15.14 22.40
CA GLY C 26 13.25 -13.83 22.81
C GLY C 26 12.90 -12.70 21.86
N GLY C 27 11.84 -12.85 21.07
CA GLY C 27 11.48 -11.82 20.13
C GLY C 27 12.47 -11.77 18.98
N THR C 28 12.94 -10.56 18.66
CA THR C 28 13.91 -10.29 17.59
C THR C 28 13.41 -10.78 16.23
N PHE C 29 12.09 -10.82 16.05
CA PHE C 29 11.47 -11.18 14.77
C PHE C 29 11.17 -9.93 13.95
N SER C 30 12.18 -9.06 13.80
CA SER C 30 11.96 -7.75 13.19
C SER C 30 13.27 -7.27 12.58
N SER C 31 13.14 -6.25 11.72
CA SER C 31 14.24 -5.62 10.97
C SER C 31 15.03 -6.61 10.12
N TYR C 32 14.49 -7.81 9.91
CA TYR C 32 15.16 -8.90 9.21
C TYR C 32 14.14 -9.67 8.40
N ALA C 33 14.45 -9.93 7.14
CA ALA C 33 13.58 -10.76 6.31
C ALA C 33 13.58 -12.20 6.82
N ILE C 34 12.45 -12.88 6.62
CA ILE C 34 12.28 -14.26 7.04
C ILE C 34 11.99 -15.09 5.80
N SER C 35 12.92 -15.98 5.46
CA SER C 35 12.79 -16.83 4.28
C SER C 35 12.53 -18.28 4.71
N TRP C 36 11.94 -19.04 3.79
CA TRP C 36 11.64 -20.45 4.02
C TRP C 36 12.37 -21.28 2.98
N VAL C 37 13.21 -22.20 3.46
CA VAL C 37 13.98 -23.10 2.61
C VAL C 37 13.66 -24.52 3.03
N ARG C 38 13.29 -25.36 2.06
CA ARG C 38 13.05 -26.77 2.33
C ARG C 38 14.30 -27.57 1.96
N GLN C 39 14.42 -28.75 2.56
CA GLN C 39 15.51 -29.67 2.25
C GLN C 39 14.88 -30.93 1.66
N ALA C 40 14.96 -31.05 0.34
CA ALA C 40 14.46 -32.23 -0.34
C ALA C 40 15.27 -33.45 0.06
N PRO C 41 14.63 -34.63 0.14
CA PRO C 41 15.36 -35.82 0.63
C PRO C 41 16.37 -36.35 -0.36
N GLY C 42 17.54 -35.70 -0.41
CA GLY C 42 18.64 -36.16 -1.23
C GLY C 42 18.82 -35.45 -2.56
N GLN C 43 18.03 -34.41 -2.84
CA GLN C 43 18.13 -33.69 -4.11
C GLN C 43 18.41 -32.21 -3.94
N GLY C 44 18.71 -31.75 -2.73
CA GLY C 44 19.18 -30.39 -2.52
C GLY C 44 18.15 -29.52 -1.83
N LEU C 45 18.44 -28.22 -1.84
CA LEU C 45 17.61 -27.21 -1.20
C LEU C 45 17.34 -26.07 -2.18
N GLU C 46 16.12 -25.54 -2.14
CA GLU C 46 15.78 -24.35 -2.91
C GLU C 46 14.78 -23.50 -2.12
N TRP C 47 14.67 -22.25 -2.54
CA TRP C 47 14.07 -21.18 -1.74
C TRP C 47 12.61 -20.97 -2.11
N MET C 48 11.72 -21.18 -1.14
CA MET C 48 10.28 -21.01 -1.37
C MET C 48 9.92 -19.54 -1.55
N GLY C 49 10.37 -18.69 -0.63
CA GLY C 49 9.98 -17.30 -0.64
C GLY C 49 10.44 -16.61 0.64
N GLY C 50 9.95 -15.39 0.82
CA GLY C 50 10.31 -14.63 2.00
C GLY C 50 9.40 -13.43 2.17
N ILE C 51 9.31 -12.96 3.42
CA ILE C 51 8.53 -11.78 3.78
C ILE C 51 9.41 -10.84 4.58
N ILE C 52 9.33 -9.56 4.27
CA ILE C 52 9.75 -8.52 5.21
C ILE C 52 8.60 -8.36 6.19
N PRO C 53 8.75 -8.83 7.44
CA PRO C 53 7.57 -8.94 8.32
C PRO C 53 6.94 -7.62 8.71
N ILE C 54 7.73 -6.54 8.81
CA ILE C 54 7.18 -5.26 9.21
C ILE C 54 6.30 -4.69 8.09
N LEU C 55 6.76 -4.79 6.85
CA LEU C 55 6.01 -4.23 5.73
C LEU C 55 4.83 -5.10 5.32
N GLY C 56 4.85 -6.39 5.66
CA GLY C 56 3.74 -7.26 5.33
C GLY C 56 3.62 -7.61 3.86
N ILE C 57 4.72 -7.56 3.11
CA ILE C 57 4.72 -7.88 1.68
C ILE C 57 5.66 -9.07 1.46
N ALA C 58 5.17 -10.06 0.74
CA ALA C 58 5.91 -11.30 0.48
C ALA C 58 6.37 -11.36 -0.97
N ASN C 59 7.35 -12.23 -1.20
CA ASN C 59 7.80 -12.56 -2.55
C ASN C 59 7.98 -14.07 -2.64
N TYR C 60 7.88 -14.59 -3.87
CA TYR C 60 7.90 -16.03 -4.10
C TYR C 60 8.85 -16.34 -5.24
N ALA C 61 9.02 -17.64 -5.51
CA ALA C 61 9.85 -18.11 -6.60
C ALA C 61 8.98 -18.29 -7.86
N GLN C 62 9.55 -18.91 -8.90
CA GLN C 62 8.82 -19.14 -10.14
C GLN C 62 8.00 -20.42 -10.11
N LYS C 63 8.53 -21.48 -9.51
CA LYS C 63 7.83 -22.76 -9.45
C LYS C 63 6.83 -22.83 -8.30
N PHE C 64 6.82 -21.84 -7.41
CA PHE C 64 5.99 -21.89 -6.21
C PHE C 64 5.29 -20.55 -5.95
N GLN C 65 4.88 -19.86 -7.01
CA GLN C 65 4.32 -18.52 -6.85
C GLN C 65 2.88 -18.55 -6.35
N GLY C 66 2.09 -19.55 -6.75
CA GLY C 66 0.69 -19.61 -6.35
C GLY C 66 0.37 -20.82 -5.50
N ARG C 67 1.17 -21.88 -5.65
CA ARG C 67 0.96 -23.09 -4.87
C ARG C 67 1.22 -22.85 -3.38
N VAL C 68 2.23 -22.04 -3.07
CA VAL C 68 2.62 -21.75 -1.69
C VAL C 68 2.18 -20.33 -1.34
N THR C 69 1.66 -20.18 -0.13
CA THR C 69 1.30 -18.87 0.42
C THR C 69 1.98 -18.73 1.78
N ILE C 70 2.67 -17.62 2.00
CA ILE C 70 3.40 -17.37 3.24
C ILE C 70 2.84 -16.11 3.88
N THR C 71 2.58 -16.17 5.19
CA THR C 71 2.04 -15.05 5.95
C THR C 71 2.86 -14.84 7.21
N ALA C 72 2.77 -13.64 7.76
CA ALA C 72 3.51 -13.27 8.95
C ALA C 72 2.60 -12.56 9.96
N ASP C 73 3.01 -12.65 11.22
CA ASP C 73 2.27 -11.99 12.29
C ASP C 73 3.34 -11.47 13.21
N LYS C 74 3.52 -10.16 13.28
CA LYS C 74 4.59 -9.57 14.07
C LYS C 74 4.24 -9.46 15.55
N SER C 75 2.97 -9.56 15.92
CA SER C 75 2.58 -9.39 17.32
C SER C 75 3.09 -10.54 18.18
N THR C 76 2.95 -11.78 17.70
CA THR C 76 3.41 -12.95 18.43
C THR C 76 4.73 -13.49 17.90
N SER C 77 5.38 -12.77 16.98
CA SER C 77 6.69 -13.14 16.42
C SER C 77 6.64 -14.51 15.75
N THR C 78 5.80 -14.61 14.73
CA THR C 78 5.55 -15.89 14.08
C THR C 78 5.29 -15.68 12.60
N ALA C 79 5.36 -16.79 11.85
CA ALA C 79 5.07 -16.80 10.42
C ALA C 79 4.36 -18.11 10.09
N TYR C 80 3.24 -18.01 9.37
CA TYR C 80 2.43 -19.16 9.02
C TYR C 80 2.63 -19.50 7.55
N MET C 81 3.02 -20.75 7.27
CA MET C 81 3.27 -21.23 5.93
C MET C 81 2.08 -22.05 5.44
N GLU C 82 1.55 -21.68 4.28
CA GLU C 82 0.44 -22.38 3.65
C GLU C 82 0.95 -23.05 2.38
N LEU C 83 0.80 -24.36 2.31
CA LEU C 83 1.26 -25.16 1.17
C LEU C 83 0.09 -26.02 0.69
N SER C 84 -0.65 -25.51 -0.29
CA SER C 84 -1.75 -26.27 -0.87
C SER C 84 -1.21 -27.16 -1.98
N SER C 85 -2.07 -28.11 -2.42
CA SER C 85 -1.76 -29.05 -3.50
C SER C 85 -0.51 -29.87 -3.17
N LEU C 86 -0.69 -30.76 -2.19
CA LEU C 86 0.38 -31.64 -1.72
C LEU C 86 0.41 -32.93 -2.54
N ARG C 87 1.55 -33.17 -3.21
CA ARG C 87 1.72 -34.41 -3.95
C ARG C 87 2.81 -35.26 -3.29
N SER C 88 3.49 -36.11 -4.05
CA SER C 88 4.50 -37.00 -3.49
C SER C 88 5.88 -36.33 -3.45
N GLU C 89 6.21 -35.54 -4.47
CA GLU C 89 7.49 -34.84 -4.48
C GLU C 89 7.53 -33.66 -3.49
N ASP C 90 6.39 -33.32 -2.88
CA ASP C 90 6.35 -32.28 -1.86
C ASP C 90 6.75 -32.79 -0.49
N THR C 91 7.07 -34.07 -0.36
CA THR C 91 7.53 -34.63 0.91
C THR C 91 8.96 -34.18 1.15
N ALA C 92 9.17 -33.35 2.17
CA ALA C 92 10.47 -32.80 2.50
C ALA C 92 10.42 -32.26 3.93
N VAL C 93 11.48 -31.58 4.34
CA VAL C 93 11.56 -30.93 5.65
C VAL C 93 11.78 -29.44 5.42
N TYR C 94 10.98 -28.61 6.08
CA TYR C 94 10.94 -27.17 5.85
C TYR C 94 11.61 -26.43 6.99
N TYR C 95 12.39 -25.41 6.63
CA TYR C 95 13.12 -24.60 7.60
C TYR C 95 12.79 -23.12 7.38
N CYS C 96 12.61 -22.40 8.48
CA CYS C 96 12.41 -20.95 8.44
C CYS C 96 13.75 -20.28 8.73
N ALA C 97 14.36 -19.67 7.72
CA ALA C 97 15.68 -19.08 7.89
C ALA C 97 15.65 -17.56 8.00
N ARG C 98 16.60 -16.99 8.73
CA ARG C 98 16.67 -15.54 8.86
C ARG C 98 17.44 -14.93 7.70
N GLU C 99 17.30 -13.63 7.50
CA GLU C 99 18.00 -12.96 6.41
C GLU C 99 18.92 -11.85 6.93
N ASN C 100 20.09 -11.72 6.32
CA ASN C 100 21.05 -10.70 6.75
C ASN C 100 21.51 -9.83 5.61
N GLY C 101 20.62 -8.95 5.13
CA GLY C 101 20.97 -8.08 4.02
C GLY C 101 22.08 -7.10 4.34
N TYR C 102 22.84 -6.70 3.33
CA TYR C 102 23.94 -5.77 3.53
C TYR C 102 24.15 -4.85 2.33
N SER C 103 25.13 -3.95 2.43
CA SER C 103 25.38 -3.00 1.35
C SER C 103 26.55 -3.39 0.46
N GLY C 104 27.16 -4.54 0.73
CA GLY C 104 28.30 -4.98 -0.07
C GLY C 104 27.92 -4.96 -1.54
N TYR C 105 28.83 -4.50 -2.39
CA TYR C 105 28.54 -4.40 -3.81
C TYR C 105 27.63 -5.55 -4.24
N GLY C 106 28.12 -6.79 -4.13
CA GLY C 106 27.25 -7.91 -4.41
C GLY C 106 25.91 -7.83 -3.72
N ALA C 107 25.94 -7.79 -2.39
CA ALA C 107 24.74 -7.71 -1.54
C ALA C 107 23.78 -8.87 -1.83
N ALA C 108 24.25 -10.08 -1.54
CA ALA C 108 23.46 -11.29 -1.72
C ALA C 108 22.86 -11.72 -0.39
N ALA C 109 21.66 -12.28 -0.45
CA ALA C 109 20.94 -12.65 0.76
C ALA C 109 21.55 -13.91 1.38
N ASN C 110 21.90 -13.85 2.66
CA ASN C 110 22.53 -14.94 3.38
C ASN C 110 21.72 -15.28 4.62
N PHE C 111 21.53 -16.58 4.85
CA PHE C 111 20.69 -17.06 5.95
C PHE C 111 21.57 -17.35 7.15
N ASP C 112 21.43 -16.53 8.20
CA ASP C 112 22.26 -16.69 9.39
C ASP C 112 21.68 -17.75 10.32
N LEU C 113 20.45 -17.53 10.78
CA LEU C 113 19.82 -18.43 11.75
C LEU C 113 18.80 -19.32 11.04
N TRP C 114 18.67 -20.55 11.54
CA TRP C 114 17.79 -21.55 10.96
C TRP C 114 16.90 -22.16 12.04
N GLY C 115 15.76 -22.69 11.60
CA GLY C 115 14.80 -23.30 12.51
C GLY C 115 15.12 -24.75 12.80
N ARG C 116 14.24 -25.36 13.59
CA ARG C 116 14.42 -26.76 13.96
C ARG C 116 14.18 -27.69 12.78
N GLY C 117 13.13 -27.42 11.99
CA GLY C 117 12.82 -28.25 10.84
C GLY C 117 11.53 -29.04 11.01
N THR C 118 10.57 -28.80 10.13
CA THR C 118 9.29 -29.48 10.15
C THR C 118 9.24 -30.47 8.99
N LEU C 119 9.12 -31.75 9.32
CA LEU C 119 9.08 -32.81 8.32
C LEU C 119 7.62 -33.04 7.92
N VAL C 120 7.32 -32.82 6.65
CA VAL C 120 5.99 -33.05 6.10
C VAL C 120 6.08 -34.14 5.06
N THR C 121 5.25 -35.17 5.20
CA THR C 121 5.24 -36.29 4.27
C THR C 121 3.80 -36.57 3.83
N VAL C 122 3.66 -37.06 2.60
CA VAL C 122 2.37 -37.34 2.00
C VAL C 122 2.26 -38.85 1.79
N SER C 123 1.23 -39.44 2.39
CA SER C 123 1.00 -40.87 2.27
C SER C 123 -0.49 -41.13 2.07
N SER C 124 -0.82 -42.13 1.26
CA SER C 124 -2.19 -42.52 0.99
C SER C 124 -2.64 -43.70 1.84
N ALA C 125 -1.85 -44.07 2.86
CA ALA C 125 -2.19 -45.21 3.70
C ALA C 125 -3.40 -44.89 4.57
N SER C 126 -4.28 -45.87 4.70
CA SER C 126 -5.47 -45.77 5.52
C SER C 126 -5.25 -46.45 6.87
N THR C 127 -5.88 -45.90 7.91
CA THR C 127 -5.74 -46.45 9.25
C THR C 127 -6.38 -47.82 9.33
N LYS C 128 -5.65 -48.79 9.88
CA LYS C 128 -6.12 -50.16 9.98
C LYS C 128 -5.58 -50.76 11.27
N GLY C 129 -5.88 -52.05 11.48
CA GLY C 129 -5.44 -52.75 12.65
C GLY C 129 -4.15 -53.52 12.42
N PRO C 130 -3.13 -53.23 13.23
CA PRO C 130 -1.85 -53.94 13.08
C PRO C 130 -1.97 -55.39 13.51
N SER C 131 -1.12 -56.24 12.92
CA SER C 131 -1.07 -57.65 13.22
C SER C 131 0.35 -58.03 13.65
N VAL C 132 0.47 -58.73 14.77
CA VAL C 132 1.75 -59.13 15.33
C VAL C 132 1.76 -60.66 15.43
N PHE C 133 2.84 -61.27 14.97
CA PHE C 133 3.00 -62.71 15.04
C PHE C 133 4.35 -63.06 15.64
N PRO C 134 4.44 -64.13 16.42
CA PRO C 134 5.70 -64.47 17.09
C PRO C 134 6.68 -65.16 16.14
N LEU C 135 7.94 -65.19 16.59
CA LEU C 135 9.00 -65.90 15.87
C LEU C 135 9.84 -66.67 16.88
N ALA C 136 10.19 -67.91 16.53
CA ALA C 136 10.98 -68.78 17.39
C ALA C 136 12.03 -69.48 16.55
N PRO C 137 13.21 -69.72 17.12
CA PRO C 137 14.26 -70.40 16.36
C PRO C 137 13.99 -71.90 16.23
N SER C 138 14.65 -72.50 15.25
CA SER C 138 14.53 -73.92 14.98
C SER C 138 15.67 -74.68 15.70
N SER C 139 15.68 -76.00 15.51
CA SER C 139 16.71 -76.83 16.14
C SER C 139 18.08 -76.55 15.55
N LYS C 140 18.17 -76.36 14.23
CA LYS C 140 19.45 -76.10 13.59
C LYS C 140 19.96 -74.68 13.87
N SER C 141 19.07 -73.75 14.18
CA SER C 141 19.49 -72.37 14.43
C SER C 141 20.28 -72.25 15.73
N THR C 142 19.87 -73.01 16.76
CA THR C 142 20.54 -72.97 18.06
C THR C 142 21.70 -73.97 18.07
N SER C 143 22.71 -73.68 17.25
CA SER C 143 23.91 -74.50 17.23
C SER C 143 24.68 -74.38 18.53
N GLY C 144 24.77 -73.17 19.08
CA GLY C 144 25.43 -72.93 20.35
C GLY C 144 24.44 -72.82 21.49
N GLY C 145 24.89 -72.18 22.58
CA GLY C 145 24.05 -72.00 23.74
C GLY C 145 23.09 -70.83 23.67
N THR C 146 23.16 -70.03 22.61
CA THR C 146 22.30 -68.86 22.45
C THR C 146 21.20 -69.13 21.43
N ALA C 147 20.13 -68.34 21.53
CA ALA C 147 19.00 -68.45 20.63
C ALA C 147 18.52 -67.06 20.25
N ALA C 148 17.93 -66.95 19.06
CA ALA C 148 17.43 -65.68 18.54
C ALA C 148 15.93 -65.80 18.28
N LEU C 149 15.17 -64.86 18.82
CA LEU C 149 13.73 -64.83 18.63
C LEU C 149 13.23 -63.41 18.82
N GLY C 150 12.01 -63.16 18.33
CA GLY C 150 11.45 -61.83 18.43
C GLY C 150 10.04 -61.79 17.89
N CYS C 151 9.54 -60.56 17.74
CA CYS C 151 8.19 -60.32 17.24
CA CYS C 151 8.19 -60.31 17.24
C CYS C 151 8.25 -59.35 16.06
N LEU C 152 7.38 -59.58 15.08
CA LEU C 152 7.31 -58.76 13.89
C LEU C 152 5.94 -58.10 13.77
N VAL C 153 5.92 -56.91 13.19
CA VAL C 153 4.70 -56.09 13.09
C VAL C 153 4.31 -56.00 11.61
N LYS C 154 3.02 -56.21 11.34
CA LYS C 154 2.48 -56.12 10.00
C LYS C 154 1.25 -55.22 9.99
N ASP C 155 1.05 -54.55 8.85
CA ASP C 155 -0.13 -53.70 8.60
C ASP C 155 -0.27 -52.60 9.65
N TYR C 156 0.83 -51.91 9.92
CA TYR C 156 0.87 -50.87 10.94
C TYR C 156 1.28 -49.54 10.33
N PHE C 157 0.80 -48.45 10.93
CA PHE C 157 1.07 -47.10 10.47
C PHE C 157 0.78 -46.15 11.63
N PRO C 158 1.62 -45.13 11.88
CA PRO C 158 2.83 -44.76 11.16
C PRO C 158 4.09 -45.45 11.69
N GLU C 159 5.26 -44.97 11.31
CA GLU C 159 6.52 -45.61 11.68
C GLU C 159 6.94 -45.45 13.16
N PRO C 160 6.59 -44.34 13.90
CA PRO C 160 6.90 -44.34 15.34
C PRO C 160 6.16 -45.44 16.11
N VAL C 161 6.90 -46.44 16.57
CA VAL C 161 6.37 -47.52 17.39
C VAL C 161 7.42 -47.89 18.43
N THR C 162 7.05 -47.87 19.70
CA THR C 162 7.94 -48.24 20.79
C THR C 162 7.72 -49.71 21.14
N VAL C 163 8.73 -50.53 20.93
CA VAL C 163 8.66 -51.96 21.22
C VAL C 163 9.42 -52.22 22.52
N SER C 164 8.71 -52.70 23.53
CA SER C 164 9.27 -52.98 24.84
C SER C 164 9.24 -54.48 25.12
N TRP C 165 10.30 -54.98 25.74
CA TRP C 165 10.41 -56.39 26.10
C TRP C 165 10.08 -56.55 27.58
N ASN C 166 9.01 -57.30 27.87
CA ASN C 166 8.52 -57.52 29.23
C ASN C 166 8.24 -56.20 29.95
N SER C 167 7.61 -55.26 29.23
CA SER C 167 7.28 -53.93 29.74
C SER C 167 8.52 -53.18 30.22
N GLY C 168 9.61 -53.27 29.45
CA GLY C 168 10.82 -52.57 29.78
C GLY C 168 11.74 -53.28 30.75
N ALA C 169 11.45 -54.54 31.10
CA ALA C 169 12.30 -55.28 32.03
C ALA C 169 13.58 -55.78 31.40
N LEU C 170 13.70 -55.75 30.07
CA LEU C 170 14.89 -56.20 29.37
C LEU C 170 15.56 -55.01 28.70
N THR C 171 16.86 -54.83 28.97
CA THR C 171 17.61 -53.73 28.41
C THR C 171 18.89 -54.16 27.68
N SER C 172 19.32 -55.40 27.84
CA SER C 172 20.54 -55.89 27.21
C SER C 172 20.18 -56.83 26.06
N GLY C 173 20.81 -56.64 24.91
CA GLY C 173 20.56 -57.47 23.75
C GLY C 173 19.35 -57.09 22.93
N VAL C 174 18.70 -55.98 23.24
CA VAL C 174 17.53 -55.53 22.50
C VAL C 174 17.98 -54.60 21.38
N HIS C 175 17.36 -54.75 20.20
CA HIS C 175 17.69 -53.92 19.05
C HIS C 175 16.40 -53.51 18.35
N THR C 176 16.38 -52.27 17.86
CA THR C 176 15.24 -51.73 17.13
C THR C 176 15.63 -51.49 15.68
N PHE C 177 14.76 -51.89 14.76
CA PHE C 177 15.04 -51.79 13.33
C PHE C 177 14.01 -50.89 12.65
N PRO C 178 14.44 -50.09 11.68
CA PRO C 178 13.49 -49.23 10.96
C PRO C 178 12.81 -49.97 9.82
N ALA C 179 11.81 -49.32 9.24
CA ALA C 179 11.03 -49.89 8.15
C ALA C 179 11.60 -49.46 6.80
N VAL C 180 10.91 -49.85 5.74
CA VAL C 180 11.35 -49.54 4.37
C VAL C 180 10.12 -49.43 3.49
N LEU C 181 10.19 -48.56 2.49
CA LEU C 181 9.08 -48.36 1.57
C LEU C 181 8.85 -49.60 0.72
N GLN C 182 7.58 -49.97 0.56
CA GLN C 182 7.18 -51.14 -0.21
C GLN C 182 6.43 -50.69 -1.46
N SER C 183 5.92 -51.68 -2.20
CA SER C 183 5.19 -51.38 -3.44
C SER C 183 3.85 -50.71 -3.14
N SER C 184 3.19 -51.12 -2.07
CA SER C 184 1.89 -50.57 -1.70
C SER C 184 1.99 -49.51 -0.61
N GLY C 185 3.20 -49.03 -0.31
CA GLY C 185 3.37 -48.05 0.74
C GLY C 185 3.29 -48.59 2.14
N LEU C 186 3.42 -49.90 2.32
CA LEU C 186 3.36 -50.52 3.63
C LEU C 186 4.73 -50.51 4.30
N TYR C 187 4.71 -50.41 5.63
CA TYR C 187 5.92 -50.40 6.44
C TYR C 187 5.94 -51.64 7.34
N SER C 188 7.13 -52.15 7.61
CA SER C 188 7.31 -53.31 8.46
C SER C 188 8.67 -53.23 9.14
N LEU C 189 8.69 -53.47 10.45
CA LEU C 189 9.90 -53.45 11.24
C LEU C 189 10.27 -54.85 11.68
N SER C 190 11.37 -54.96 12.44
CA SER C 190 11.80 -56.23 12.98
C SER C 190 12.45 -55.98 14.34
N SER C 191 12.46 -57.02 15.17
CA SER C 191 13.03 -56.93 16.50
C SER C 191 13.52 -58.31 16.93
N VAL C 192 14.77 -58.38 17.39
CA VAL C 192 15.37 -59.63 17.84
C VAL C 192 16.08 -59.39 19.16
N VAL C 193 16.19 -60.47 19.95
CA VAL C 193 16.94 -60.45 21.20
C VAL C 193 17.81 -61.70 21.27
N THR C 194 18.82 -61.63 22.13
CA THR C 194 19.73 -62.75 22.36
C THR C 194 19.46 -63.31 23.75
N VAL C 195 19.14 -64.60 23.81
CA VAL C 195 18.83 -65.25 25.09
C VAL C 195 19.52 -66.59 25.16
N PRO C 196 19.92 -67.01 26.35
CA PRO C 196 20.47 -68.35 26.52
C PRO C 196 19.41 -69.42 26.38
N SER C 197 19.86 -70.62 26.02
CA SER C 197 18.96 -71.75 25.83
C SER C 197 18.46 -72.33 27.14
N SER C 198 19.11 -72.02 28.27
CA SER C 198 18.68 -72.55 29.55
C SER C 198 17.45 -71.85 30.10
N SER C 199 17.11 -70.67 29.59
CA SER C 199 15.96 -69.91 30.05
C SER C 199 14.74 -70.09 29.15
N LEU C 200 14.82 -70.99 28.16
CA LEU C 200 13.70 -71.21 27.25
C LEU C 200 12.65 -72.15 27.80
N GLY C 201 12.93 -72.83 28.92
CA GLY C 201 11.97 -73.75 29.49
C GLY C 201 11.38 -73.29 30.81
N THR C 202 11.85 -72.15 31.30
CA THR C 202 11.39 -71.61 32.58
C THR C 202 10.83 -70.20 32.48
N GLN C 203 11.27 -69.40 31.50
CA GLN C 203 10.81 -68.03 31.35
C GLN C 203 10.29 -67.83 29.93
N THR C 204 9.11 -67.25 29.81
CA THR C 204 8.50 -66.96 28.53
C THR C 204 8.75 -65.51 28.13
N TYR C 205 8.72 -65.25 26.83
CA TYR C 205 8.97 -63.91 26.29
C TYR C 205 7.70 -63.43 25.58
N ILE C 206 7.30 -62.20 25.89
CA ILE C 206 6.12 -61.59 25.29
C ILE C 206 6.51 -60.20 24.79
N CYS C 207 5.74 -59.72 23.81
CA CYS C 207 5.96 -58.41 23.21
CA CYS C 207 5.95 -58.41 23.21
C CYS C 207 4.75 -57.53 23.47
N ASN C 208 4.99 -56.31 23.95
CA ASN C 208 3.95 -55.33 24.22
C ASN C 208 4.11 -54.18 23.24
N VAL C 209 3.15 -54.03 22.34
CA VAL C 209 3.18 -52.99 21.31
C VAL C 209 2.05 -52.02 21.60
N ASN C 210 2.39 -50.74 21.71
CA ASN C 210 1.42 -49.68 21.99
C ASN C 210 1.34 -48.75 20.79
N HIS C 211 0.12 -48.55 20.28
CA HIS C 211 -0.13 -47.66 19.14
C HIS C 211 -1.03 -46.54 19.64
N LYS C 212 -0.43 -45.37 19.86
CA LYS C 212 -1.19 -44.22 20.37
C LYS C 212 -2.29 -43.73 19.44
N PRO C 213 -2.07 -43.51 18.13
CA PRO C 213 -3.19 -43.03 17.30
C PRO C 213 -4.32 -44.03 17.13
N SER C 214 -4.03 -45.33 17.15
CA SER C 214 -5.04 -46.34 16.93
C SER C 214 -5.74 -46.79 18.20
N ASN C 215 -5.25 -46.36 19.38
CA ASN C 215 -5.83 -46.72 20.68
C ASN C 215 -5.93 -48.23 20.87
N THR C 216 -4.87 -48.95 20.50
CA THR C 216 -4.84 -50.40 20.60
C THR C 216 -3.56 -50.85 21.30
N LYS C 217 -3.66 -52.00 21.97
CA LYS C 217 -2.51 -52.58 22.67
C LYS C 217 -2.75 -54.08 22.77
N VAL C 218 -1.97 -54.86 22.02
CA VAL C 218 -2.15 -56.30 21.95
C VAL C 218 -1.06 -56.99 22.76
N ASP C 219 -1.45 -58.00 23.52
CA ASP C 219 -0.53 -58.82 24.29
C ASP C 219 -0.49 -60.21 23.67
N LYS C 220 0.70 -60.67 23.31
CA LYS C 220 0.87 -61.92 22.59
C LYS C 220 2.05 -62.68 23.14
N LYS C 221 1.96 -64.00 23.16
CA LYS C 221 2.99 -64.87 23.71
C LYS C 221 3.80 -65.52 22.58
N VAL C 222 5.02 -65.93 22.93
CA VAL C 222 5.92 -66.63 22.03
C VAL C 222 6.25 -67.98 22.64
N GLU C 223 6.10 -69.05 21.86
CA GLU C 223 6.30 -70.40 22.35
C GLU C 223 7.15 -71.15 21.33
N PRO C 224 8.23 -71.80 21.76
CA PRO C 224 9.19 -72.36 20.80
C PRO C 224 8.63 -73.52 20.00
N LYS C 225 9.23 -73.73 18.83
CA LYS C 225 8.78 -74.77 17.91
C LYS C 225 8.97 -76.16 18.51
N SER C 226 8.00 -77.04 18.27
CA SER C 226 8.05 -78.40 18.77
C SER C 226 8.56 -79.40 17.75
N CYS C 227 8.32 -79.15 16.45
CA CYS C 227 8.77 -80.07 15.42
C CYS C 227 10.28 -79.99 15.21
N ASP C 228 10.88 -78.83 15.45
CA ASP C 228 12.32 -78.67 15.31
C ASP C 228 12.87 -77.72 16.36
N SER D 2 20.56 -27.67 -9.88
CA SER D 2 20.13 -26.30 -10.20
C SER D 2 21.07 -25.65 -11.20
N VAL D 3 20.99 -24.32 -11.30
CA VAL D 3 21.88 -23.59 -12.20
C VAL D 3 23.31 -23.63 -11.68
N LEU D 4 23.49 -23.49 -10.37
CA LEU D 4 24.81 -23.54 -9.76
C LEU D 4 25.27 -25.00 -9.69
N THR D 5 26.44 -25.27 -10.25
CA THR D 5 26.95 -26.63 -10.38
C THR D 5 28.11 -26.85 -9.41
N GLN D 6 28.03 -27.94 -8.66
CA GLN D 6 29.08 -28.38 -7.75
C GLN D 6 29.41 -29.83 -8.07
N PRO D 7 30.62 -30.28 -7.72
CA PRO D 7 30.94 -31.71 -7.81
C PRO D 7 30.03 -32.52 -6.91
N PRO D 8 29.62 -33.72 -7.33
CA PRO D 8 28.73 -34.54 -6.47
C PRO D 8 29.36 -34.91 -5.14
N SER D 9 30.66 -35.16 -5.11
CA SER D 9 31.37 -35.48 -3.87
C SER D 9 32.85 -35.22 -4.09
N VAL D 10 33.56 -35.07 -2.97
CA VAL D 10 35.00 -34.87 -2.97
C VAL D 10 35.64 -35.83 -1.99
N SER D 11 36.74 -36.45 -2.39
CA SER D 11 37.47 -37.35 -1.50
C SER D 11 38.15 -36.55 -0.40
N GLY D 12 38.32 -37.20 0.75
CA GLY D 12 38.89 -36.52 1.91
C GLY D 12 40.24 -37.06 2.34
N ALA D 13 41.25 -36.20 2.33
CA ALA D 13 42.57 -36.55 2.82
C ALA D 13 42.80 -35.86 4.15
N PRO D 14 42.86 -36.60 5.26
CA PRO D 14 42.99 -35.97 6.58
C PRO D 14 44.31 -35.24 6.73
N GLY D 15 44.22 -33.93 6.98
CA GLY D 15 45.39 -33.10 7.19
C GLY D 15 45.86 -32.32 5.98
N GLN D 16 45.19 -32.44 4.84
CA GLN D 16 45.57 -31.73 3.63
C GLN D 16 44.39 -30.87 3.13
N ARG D 17 44.57 -30.28 1.96
CA ARG D 17 43.62 -29.34 1.39
C ARG D 17 42.73 -30.03 0.36
N VAL D 18 41.42 -29.85 0.50
CA VAL D 18 40.44 -30.29 -0.49
C VAL D 18 39.60 -29.08 -0.87
N THR D 19 39.67 -28.69 -2.14
CA THR D 19 39.00 -27.49 -2.63
C THR D 19 37.65 -27.85 -3.23
N ILE D 20 36.61 -27.15 -2.78
CA ILE D 20 35.24 -27.35 -3.26
C ILE D 20 34.87 -26.14 -4.11
N SER D 21 34.49 -26.38 -5.36
CA SER D 21 34.23 -25.33 -6.32
C SER D 21 32.75 -25.24 -6.64
N CYS D 22 32.35 -24.06 -7.13
CA CYS D 22 30.97 -23.80 -7.55
C CYS D 22 31.02 -23.02 -8.87
N THR D 23 30.89 -23.73 -9.98
CA THR D 23 30.93 -23.12 -11.30
C THR D 23 29.50 -22.79 -11.72
N GLY D 24 29.09 -21.55 -11.49
CA GLY D 24 27.76 -21.09 -11.85
C GLY D 24 27.73 -20.43 -13.21
N SER D 25 26.61 -19.77 -13.49
CA SER D 25 26.42 -19.07 -14.74
C SER D 25 26.98 -17.65 -14.64
N SER D 26 26.73 -16.83 -15.66
CA SER D 26 27.19 -15.45 -15.66
C SER D 26 26.19 -14.49 -15.03
N SER D 27 24.94 -14.92 -14.82
CA SER D 27 23.92 -14.05 -14.23
C SER D 27 23.81 -14.18 -12.73
N ASN D 28 24.49 -15.15 -12.12
CA ASN D 28 24.43 -15.35 -10.68
C ASN D 28 25.77 -15.10 -9.99
N ILE D 29 26.84 -15.76 -10.43
CA ILE D 29 28.17 -15.56 -9.86
C ILE D 29 28.97 -14.55 -10.67
N GLY D 30 28.98 -14.70 -12.00
CA GLY D 30 29.66 -13.75 -12.86
C GLY D 30 29.05 -12.37 -12.87
N ALA D 31 27.77 -12.26 -12.47
CA ALA D 31 27.14 -10.95 -12.35
C ALA D 31 27.79 -10.13 -11.26
N GLY D 32 28.11 -10.75 -10.12
CA GLY D 32 28.76 -10.03 -9.04
C GLY D 32 28.21 -10.34 -7.67
N TYR D 33 27.16 -11.17 -7.62
CA TYR D 33 26.58 -11.55 -6.33
C TYR D 33 27.54 -12.43 -5.54
N ASP D 34 27.53 -12.26 -4.22
CA ASP D 34 28.37 -13.07 -3.36
C ASP D 34 27.90 -14.52 -3.35
N VAL D 35 28.87 -15.43 -3.25
CA VAL D 35 28.61 -16.86 -3.22
C VAL D 35 28.70 -17.28 -1.75
N HIS D 36 27.55 -17.51 -1.13
CA HIS D 36 27.50 -17.89 0.28
C HIS D 36 27.63 -19.40 0.40
N TRP D 37 28.62 -19.84 1.16
CA TRP D 37 28.89 -21.27 1.34
C TRP D 37 28.16 -21.78 2.57
N TYR D 38 27.36 -22.83 2.39
CA TYR D 38 26.56 -23.40 3.46
C TYR D 38 27.02 -24.83 3.75
N GLN D 39 27.09 -25.17 5.04
CA GLN D 39 27.49 -26.49 5.49
C GLN D 39 26.41 -27.04 6.41
N GLN D 40 25.97 -28.27 6.14
CA GLN D 40 24.96 -28.94 6.96
C GLN D 40 25.53 -30.23 7.50
N LEU D 41 25.56 -30.36 8.82
CA LEU D 41 25.97 -31.62 9.45
C LEU D 41 24.86 -32.66 9.25
N PRO D 42 25.23 -33.94 9.17
CA PRO D 42 24.21 -34.98 8.97
C PRO D 42 23.24 -35.05 10.15
N GLY D 43 21.95 -35.04 9.83
CA GLY D 43 20.92 -35.00 10.85
C GLY D 43 20.91 -33.73 11.67
N THR D 44 21.27 -32.60 11.06
CA THR D 44 21.35 -31.32 11.75
C THR D 44 20.88 -30.23 10.81
N ALA D 45 20.30 -29.18 11.37
CA ALA D 45 19.87 -28.04 10.56
C ALA D 45 21.09 -27.32 9.97
N PRO D 46 20.97 -26.80 8.75
CA PRO D 46 22.11 -26.10 8.14
C PRO D 46 22.40 -24.77 8.84
N LYS D 47 23.60 -24.27 8.59
CA LYS D 47 24.04 -23.01 9.19
C LYS D 47 24.94 -22.28 8.20
N LEU D 48 25.11 -20.98 8.45
CA LEU D 48 25.94 -20.14 7.59
C LEU D 48 27.41 -20.40 7.87
N LEU D 49 28.15 -20.87 6.87
CA LEU D 49 29.56 -21.18 7.00
C LEU D 49 30.47 -20.06 6.51
N ILE D 50 30.19 -19.52 5.32
CA ILE D 50 30.97 -18.42 4.75
C ILE D 50 30.00 -17.42 4.13
N TYR D 51 30.12 -16.15 4.50
CA TYR D 51 29.26 -15.10 3.95
C TYR D 51 30.11 -13.91 3.54
N GLY D 52 29.56 -13.12 2.61
CA GLY D 52 30.31 -12.02 2.02
C GLY D 52 31.33 -12.44 1.01
N ASN D 53 31.37 -13.72 0.64
CA ASN D 53 32.18 -14.34 -0.40
C ASN D 53 33.65 -14.41 -0.05
N SER D 54 34.06 -13.74 1.04
CA SER D 54 35.42 -13.90 1.55
C SER D 54 35.53 -13.82 3.07
N ASN D 55 34.43 -13.68 3.80
CA ASN D 55 34.48 -13.32 5.21
C ASN D 55 33.83 -14.41 6.04
N ARG D 56 34.19 -14.47 7.31
CA ARG D 56 33.89 -15.60 8.17
C ARG D 56 32.99 -15.19 9.33
N PRO D 57 31.86 -15.86 9.53
CA PRO D 57 31.02 -15.56 10.70
C PRO D 57 31.66 -16.02 12.00
N SER D 58 31.14 -15.48 13.10
CA SER D 58 31.58 -15.90 14.42
C SER D 58 31.16 -17.34 14.68
N GLY D 59 32.05 -18.11 15.31
CA GLY D 59 31.80 -19.51 15.55
C GLY D 59 32.14 -20.43 14.40
N VAL D 60 32.89 -19.96 13.42
CA VAL D 60 33.29 -20.74 12.25
C VAL D 60 34.80 -20.94 12.31
N PRO D 61 35.31 -22.16 12.16
CA PRO D 61 36.76 -22.37 12.21
C PRO D 61 37.48 -21.69 11.06
N ASP D 62 38.74 -21.36 11.31
CA ASP D 62 39.56 -20.65 10.33
C ASP D 62 39.96 -21.55 9.16
N ARG D 63 39.71 -22.86 9.25
CA ARG D 63 40.08 -23.76 8.16
C ARG D 63 39.25 -23.51 6.90
N PHE D 64 37.99 -23.13 7.06
CA PHE D 64 37.09 -22.91 5.93
C PHE D 64 37.20 -21.46 5.48
N SER D 65 37.69 -21.26 4.25
CA SER D 65 37.80 -19.94 3.65
C SER D 65 37.30 -20.00 2.21
N GLY D 66 36.65 -18.92 1.78
CA GLY D 66 36.04 -18.87 0.46
C GLY D 66 36.71 -17.84 -0.44
N SER D 67 36.61 -18.07 -1.74
CA SER D 67 37.17 -17.17 -2.74
C SER D 67 36.48 -17.44 -4.08
N LYS D 68 36.08 -16.37 -4.76
CA LYS D 68 35.41 -16.47 -6.05
C LYS D 68 36.13 -15.61 -7.07
N SER D 69 36.43 -16.19 -8.24
CA SER D 69 37.06 -15.47 -9.34
C SER D 69 36.24 -15.72 -10.61
N GLY D 70 35.81 -14.64 -11.25
CA GLY D 70 35.04 -14.78 -12.48
C GLY D 70 33.68 -15.39 -12.20
N THR D 71 33.33 -16.43 -12.96
CA THR D 71 32.06 -17.12 -12.83
C THR D 71 32.18 -18.41 -12.02
N SER D 72 33.22 -18.53 -11.19
CA SER D 72 33.43 -19.72 -10.38
C SER D 72 33.88 -19.31 -8.99
N ALA D 73 33.35 -20.02 -7.98
CA ALA D 73 33.72 -19.83 -6.60
C ALA D 73 34.52 -21.03 -6.10
N SER D 74 35.15 -20.87 -4.93
CA SER D 74 35.98 -21.92 -4.38
C SER D 74 35.94 -21.85 -2.85
N LEU D 75 35.83 -23.03 -2.23
CA LEU D 75 35.91 -23.17 -0.78
C LEU D 75 37.21 -23.86 -0.42
N ALA D 76 38.01 -23.23 0.43
CA ALA D 76 39.30 -23.76 0.86
C ALA D 76 39.15 -24.42 2.23
N ILE D 77 39.59 -25.65 2.35
CA ILE D 77 39.56 -26.40 3.60
C ILE D 77 41.01 -26.77 3.92
N THR D 78 41.67 -25.96 4.74
CA THR D 78 43.08 -26.19 5.05
C THR D 78 43.26 -27.46 5.89
N GLY D 79 42.43 -27.66 6.89
CA GLY D 79 42.53 -28.82 7.77
C GLY D 79 41.30 -29.69 7.65
N LEU D 80 41.53 -31.00 7.58
CA LEU D 80 40.46 -31.99 7.41
C LEU D 80 40.40 -32.86 8.65
N GLN D 81 39.40 -32.63 9.49
CA GLN D 81 39.18 -33.39 10.71
C GLN D 81 37.94 -34.28 10.55
N ALA D 82 37.54 -34.93 11.65
CA ALA D 82 36.49 -35.93 11.57
C ALA D 82 35.11 -35.30 11.39
N GLU D 83 34.85 -34.17 12.04
CA GLU D 83 33.53 -33.56 12.01
C GLU D 83 33.26 -32.73 10.76
N ASP D 84 34.19 -32.72 9.80
CA ASP D 84 33.96 -32.04 8.53
C ASP D 84 33.10 -32.86 7.56
N GLU D 85 32.59 -34.01 7.99
CA GLU D 85 31.67 -34.81 7.19
C GLU D 85 30.38 -34.04 6.99
N ALA D 86 30.16 -33.51 5.79
CA ALA D 86 29.02 -32.66 5.51
C ALA D 86 28.84 -32.53 4.01
N ASP D 87 27.71 -31.96 3.61
CA ASP D 87 27.44 -31.60 2.23
C ASP D 87 27.44 -30.08 2.10
N TYR D 88 28.24 -29.57 1.17
CA TYR D 88 28.49 -28.15 1.03
C TYR D 88 27.72 -27.59 -0.15
N TYR D 89 26.98 -26.50 0.08
CA TYR D 89 26.16 -25.88 -0.92
C TYR D 89 26.59 -24.43 -1.13
N CYS D 90 26.58 -23.99 -2.38
CA CYS D 90 26.83 -22.60 -2.73
C CYS D 90 25.50 -21.94 -3.09
N GLN D 91 25.26 -20.76 -2.51
CA GLN D 91 24.03 -20.02 -2.72
C GLN D 91 24.35 -18.65 -3.29
N SER D 92 23.66 -18.28 -4.37
CA SER D 92 23.86 -16.98 -5.00
C SER D 92 22.54 -16.51 -5.59
N TYR D 93 22.38 -15.20 -5.66
CA TYR D 93 21.17 -14.61 -6.23
C TYR D 93 21.26 -14.59 -7.75
N ASP D 94 20.15 -14.91 -8.41
CA ASP D 94 20.08 -14.97 -9.86
C ASP D 94 19.12 -13.90 -10.37
N SER D 95 19.44 -13.36 -11.56
CA SER D 95 18.62 -12.34 -12.17
C SER D 95 17.50 -12.93 -13.04
N SER D 96 17.86 -13.91 -13.89
CA SER D 96 16.85 -14.56 -14.71
C SER D 96 15.85 -15.34 -13.87
N LEU D 97 16.32 -16.04 -12.84
CA LEU D 97 15.43 -16.75 -11.93
C LEU D 97 14.73 -15.80 -10.96
N SER D 98 15.31 -14.62 -10.71
CA SER D 98 14.76 -13.61 -9.80
C SER D 98 14.56 -14.19 -8.39
N GLY D 99 15.62 -14.78 -7.84
CA GLY D 99 15.58 -15.35 -6.52
C GLY D 99 16.84 -16.11 -6.15
N SER D 100 17.07 -16.29 -4.85
CA SER D 100 18.25 -17.01 -4.40
C SER D 100 18.10 -18.51 -4.66
N VAL D 101 19.14 -19.12 -5.22
CA VAL D 101 19.14 -20.54 -5.53
C VAL D 101 20.40 -21.16 -4.95
N PHE D 102 20.28 -22.38 -4.44
CA PHE D 102 21.41 -23.10 -3.86
C PHE D 102 22.07 -23.96 -4.95
N GLY D 103 22.99 -24.82 -4.55
CA GLY D 103 23.69 -25.70 -5.45
C GLY D 103 23.20 -27.12 -5.39
N GLY D 104 24.06 -28.04 -5.81
CA GLY D 104 23.72 -29.45 -5.83
C GLY D 104 24.29 -30.24 -4.66
N GLY D 105 25.20 -29.62 -3.92
CA GLY D 105 25.80 -30.29 -2.78
C GLY D 105 27.09 -31.01 -3.13
N THR D 106 28.00 -31.03 -2.16
CA THR D 106 29.29 -31.69 -2.32
C THR D 106 29.59 -32.47 -1.03
N LYS D 107 29.52 -33.79 -1.11
CA LYS D 107 29.73 -34.63 0.07
C LYS D 107 31.23 -34.80 0.31
N LEU D 108 31.74 -34.15 1.35
CA LEU D 108 33.14 -34.25 1.72
C LEU D 108 33.32 -35.48 2.59
N THR D 109 33.86 -36.56 2.00
CA THR D 109 33.94 -37.86 2.65
C THR D 109 35.36 -38.11 3.13
N VAL D 110 35.56 -38.01 4.44
CA VAL D 110 36.85 -38.35 5.05
C VAL D 110 36.98 -39.87 5.11
N LEU D 111 38.19 -40.37 4.81
CA LEU D 111 38.39 -41.81 4.68
C LEU D 111 38.36 -42.50 6.04
N GLY D 112 37.82 -43.71 6.04
CA GLY D 112 37.86 -44.59 7.19
C GLY D 112 37.09 -45.86 6.92
N GLN D 113 37.66 -47.03 7.24
CA GLN D 113 36.98 -48.27 6.91
C GLN D 113 37.51 -49.46 7.71
N PRO D 114 37.22 -49.56 9.02
CA PRO D 114 37.43 -50.84 9.72
C PRO D 114 36.16 -51.69 9.70
N LYS D 115 36.25 -52.93 9.25
CA LYS D 115 35.06 -53.75 9.10
C LYS D 115 35.40 -55.21 9.43
N ALA D 116 34.43 -56.08 9.26
CA ALA D 116 34.58 -57.51 9.51
C ALA D 116 33.65 -58.27 8.58
N ALA D 117 33.65 -59.60 8.70
CA ALA D 117 32.81 -60.42 7.86
C ALA D 117 31.35 -60.27 8.26
N PRO D 118 30.43 -60.20 7.29
CA PRO D 118 29.00 -60.07 7.63
C PRO D 118 28.44 -61.39 8.13
N SER D 119 27.71 -61.33 9.24
CA SER D 119 27.04 -62.49 9.82
C SER D 119 25.54 -62.35 9.60
N VAL D 120 24.94 -63.33 8.93
CA VAL D 120 23.53 -63.30 8.60
C VAL D 120 22.84 -64.49 9.23
N THR D 121 21.56 -64.30 9.56
CA THR D 121 20.70 -65.36 10.09
C THR D 121 19.38 -65.34 9.36
N LEU D 122 18.85 -66.52 9.06
CA LEU D 122 17.61 -66.68 8.33
C LEU D 122 16.54 -67.26 9.27
N PHE D 123 15.43 -66.55 9.40
CA PHE D 123 14.34 -66.97 10.27
C PHE D 123 13.15 -67.41 9.45
N PRO D 124 12.79 -68.70 9.45
CA PRO D 124 11.62 -69.13 8.69
C PRO D 124 10.34 -68.65 9.33
N PRO D 125 9.26 -68.49 8.56
CA PRO D 125 7.98 -68.10 9.14
C PRO D 125 7.39 -69.17 10.04
N SER D 126 6.57 -68.75 10.98
CA SER D 126 5.90 -69.66 11.89
C SER D 126 4.60 -70.18 11.28
N SER D 127 3.89 -71.02 12.03
CA SER D 127 2.67 -71.62 11.53
C SER D 127 1.48 -70.67 11.57
N GLU D 128 1.44 -69.76 12.56
CA GLU D 128 0.29 -68.86 12.70
C GLU D 128 0.27 -67.78 11.64
N GLU D 129 1.39 -67.52 10.96
CA GLU D 129 1.43 -66.50 9.92
C GLU D 129 0.84 -66.98 8.60
N LEU D 130 0.66 -68.28 8.43
CA LEU D 130 0.10 -68.80 7.18
C LEU D 130 -1.39 -68.54 7.05
N GLN D 131 -2.10 -68.33 8.17
CA GLN D 131 -3.53 -68.09 8.15
C GLN D 131 -3.88 -66.62 7.91
N ALA D 132 -2.88 -65.75 7.78
CA ALA D 132 -3.10 -64.33 7.55
C ALA D 132 -3.14 -63.98 6.06
N ASN D 133 -3.13 -64.99 5.18
CA ASN D 133 -3.13 -64.81 3.72
C ASN D 133 -1.92 -63.99 3.25
N LYS D 134 -0.79 -64.16 3.92
CA LYS D 134 0.44 -63.47 3.56
C LYS D 134 1.62 -64.26 4.10
N ALA D 135 2.74 -64.20 3.37
CA ALA D 135 3.96 -64.88 3.76
C ALA D 135 5.11 -63.89 3.75
N THR D 136 5.83 -63.82 4.87
CA THR D 136 6.95 -62.90 5.01
C THR D 136 8.25 -63.66 5.18
N LEU D 137 9.30 -63.19 4.50
CA LEU D 137 10.64 -63.73 4.63
C LEU D 137 11.56 -62.60 5.06
N VAL D 138 12.25 -62.79 6.20
CA VAL D 138 13.14 -61.77 6.75
C VAL D 138 14.56 -62.28 6.68
N CYS D 139 15.51 -61.33 6.66
CA CYS D 139 16.93 -61.63 6.63
C CYS D 139 17.62 -60.75 7.68
N LEU D 140 17.89 -61.32 8.85
CA LEU D 140 18.57 -60.58 9.90
C LEU D 140 20.08 -60.64 9.67
N ILE D 141 20.69 -59.47 9.52
CA ILE D 141 22.13 -59.34 9.31
C ILE D 141 22.69 -58.44 10.40
N SER D 142 23.80 -58.87 11.01
CA SER D 142 24.44 -58.12 12.08
C SER D 142 25.94 -58.15 11.89
N ASP D 143 26.62 -57.22 12.57
CA ASP D 143 28.08 -57.08 12.52
C ASP D 143 28.57 -56.84 11.09
N PHE D 144 28.06 -55.77 10.49
CA PHE D 144 28.38 -55.42 9.12
C PHE D 144 28.37 -53.90 8.99
N TYR D 145 28.60 -53.42 7.78
CA TYR D 145 28.71 -52.01 7.47
C TYR D 145 27.77 -51.65 6.34
N PRO D 146 27.35 -50.38 6.23
CA PRO D 146 26.43 -50.00 5.15
C PRO D 146 27.01 -50.14 3.76
N GLY D 147 28.34 -50.21 3.62
CA GLY D 147 28.93 -50.49 2.32
C GLY D 147 28.64 -51.92 1.89
N ALA D 148 28.22 -52.08 0.64
CA ALA D 148 27.90 -53.37 0.03
C ALA D 148 26.83 -54.12 0.83
N VAL D 149 25.63 -53.52 0.82
CA VAL D 149 24.49 -54.09 1.52
C VAL D 149 23.52 -54.68 0.51
N THR D 150 24.03 -55.12 -0.63
CA THR D 150 23.20 -55.72 -1.67
C THR D 150 22.60 -57.02 -1.17
N VAL D 151 21.29 -57.18 -1.34
CA VAL D 151 20.54 -58.34 -0.89
C VAL D 151 19.89 -58.99 -2.10
N ALA D 152 20.10 -60.29 -2.27
CA ALA D 152 19.53 -61.03 -3.38
C ALA D 152 18.75 -62.22 -2.84
N TRP D 153 17.70 -62.60 -3.58
CA TRP D 153 16.84 -63.70 -3.21
C TRP D 153 16.84 -64.75 -4.31
N LYS D 154 16.72 -66.01 -3.91
CA LYS D 154 16.68 -67.12 -4.86
C LYS D 154 15.95 -68.29 -4.22
N ALA D 155 15.39 -69.15 -5.06
CA ALA D 155 14.62 -70.31 -4.64
C ALA D 155 15.08 -71.56 -5.35
N ASP D 156 16.39 -71.69 -5.54
CA ASP D 156 17.11 -72.83 -6.13
C ASP D 156 16.78 -73.06 -7.60
N SER D 157 15.93 -72.25 -8.21
CA SER D 157 15.63 -72.38 -9.64
C SER D 157 15.62 -71.07 -10.40
N SER D 158 15.39 -69.92 -9.73
CA SER D 158 15.34 -68.62 -10.40
C SER D 158 15.44 -67.55 -9.34
N PRO D 159 16.15 -66.45 -9.60
CA PRO D 159 16.20 -65.35 -8.63
C PRO D 159 14.86 -64.64 -8.53
N VAL D 160 14.61 -64.06 -7.37
CA VAL D 160 13.37 -63.34 -7.09
C VAL D 160 13.62 -61.85 -7.30
N LYS D 161 12.80 -61.23 -8.16
CA LYS D 161 12.93 -59.82 -8.49
C LYS D 161 11.71 -59.00 -8.03
N ALA D 162 10.93 -59.54 -7.10
CA ALA D 162 9.73 -58.86 -6.61
C ALA D 162 9.72 -58.90 -5.09
N GLY D 163 9.33 -57.79 -4.48
CA GLY D 163 9.22 -57.72 -3.03
C GLY D 163 10.53 -57.58 -2.29
N VAL D 164 11.60 -57.15 -2.96
CA VAL D 164 12.91 -57.00 -2.33
C VAL D 164 13.18 -55.52 -2.13
N GLU D 165 13.60 -55.16 -0.90
CA GLU D 165 13.92 -53.79 -0.57
C GLU D 165 15.18 -53.77 0.30
N THR D 166 15.80 -52.60 0.39
CA THR D 166 17.00 -52.40 1.19
C THR D 166 16.72 -51.34 2.26
N THR D 167 17.01 -51.68 3.51
CA THR D 167 16.72 -50.81 4.64
C THR D 167 18.01 -50.21 5.19
N THR D 168 17.96 -48.91 5.50
CA THR D 168 19.12 -48.23 6.05
C THR D 168 19.39 -48.73 7.47
N PRO D 169 20.63 -49.13 7.77
CA PRO D 169 20.94 -49.64 9.12
C PRO D 169 20.93 -48.53 10.16
N SER D 170 20.78 -48.95 11.41
CA SER D 170 20.78 -48.05 12.55
C SER D 170 21.96 -48.36 13.46
N LYS D 171 22.50 -47.31 14.09
CA LYS D 171 23.69 -47.46 14.92
C LYS D 171 23.34 -48.15 16.24
N GLN D 172 24.17 -49.11 16.63
CA GLN D 172 24.03 -49.79 17.90
C GLN D 172 24.79 -49.03 18.99
N SER D 173 24.96 -49.66 20.15
CA SER D 173 25.65 -49.05 21.28
C SER D 173 27.13 -49.39 21.33
N ASN D 174 27.63 -50.20 20.38
CA ASN D 174 29.02 -50.61 20.36
C ASN D 174 29.66 -50.28 19.02
N ASN D 175 29.30 -49.12 18.47
CA ASN D 175 29.78 -48.65 17.17
C ASN D 175 29.52 -49.67 16.06
N LYS D 176 28.33 -50.27 16.09
CA LYS D 176 27.92 -51.27 15.12
C LYS D 176 26.59 -50.86 14.51
N TYR D 177 26.33 -51.37 13.31
CA TYR D 177 25.10 -51.08 12.57
C TYR D 177 24.42 -52.38 12.17
N ALA D 178 23.10 -52.42 12.32
CA ALA D 178 22.30 -53.60 12.02
C ALA D 178 21.11 -53.19 11.16
N ALA D 179 20.75 -54.07 10.23
CA ALA D 179 19.61 -53.83 9.34
C ALA D 179 18.96 -55.17 9.01
N SER D 180 17.95 -55.11 8.15
CA SER D 180 17.25 -56.31 7.71
C SER D 180 16.59 -56.03 6.37
N SER D 181 16.26 -57.09 5.65
CA SER D 181 15.56 -57.01 4.38
C SER D 181 14.26 -57.81 4.46
N TYR D 182 13.26 -57.37 3.72
CA TYR D 182 11.92 -57.92 3.80
C TYR D 182 11.53 -58.55 2.47
N LEU D 183 10.59 -59.49 2.53
CA LEU D 183 10.07 -60.14 1.32
C LEU D 183 8.62 -60.50 1.56
N SER D 184 7.74 -60.03 0.67
CA SER D 184 6.31 -60.32 0.76
C SER D 184 5.97 -61.42 -0.25
N LEU D 185 5.31 -62.47 0.23
CA LEU D 185 4.95 -63.61 -0.61
C LEU D 185 3.53 -64.06 -0.23
N THR D 186 3.16 -65.25 -0.71
CA THR D 186 1.86 -65.82 -0.47
C THR D 186 2.02 -67.24 0.06
N PRO D 187 1.23 -67.64 1.06
CA PRO D 187 1.32 -69.01 1.58
C PRO D 187 0.94 -70.08 0.57
N GLU D 188 0.19 -69.73 -0.48
CA GLU D 188 -0.15 -70.70 -1.52
C GLU D 188 1.10 -71.17 -2.27
N GLN D 189 2.02 -70.26 -2.57
CA GLN D 189 3.26 -70.60 -3.23
C GLN D 189 4.40 -70.87 -2.25
N TRP D 190 4.14 -70.79 -0.95
CA TRP D 190 5.19 -71.04 0.04
C TRP D 190 5.62 -72.49 0.03
N LYS D 191 4.67 -73.42 -0.09
CA LYS D 191 4.98 -74.85 -0.08
C LYS D 191 5.44 -75.37 -1.44
N SER D 192 5.27 -74.58 -2.50
CA SER D 192 5.66 -75.04 -3.84
C SER D 192 7.17 -75.17 -3.96
N HIS D 193 7.91 -74.17 -3.48
CA HIS D 193 9.36 -74.19 -3.56
C HIS D 193 9.94 -75.07 -2.45
N ARG D 194 11.05 -75.74 -2.78
CA ARG D 194 11.65 -76.68 -1.83
C ARG D 194 12.41 -75.95 -0.73
N SER D 195 13.15 -74.89 -1.06
CA SER D 195 13.97 -74.20 -0.07
C SER D 195 14.12 -72.74 -0.48
N TYR D 196 14.48 -71.92 0.51
CA TYR D 196 14.71 -70.49 0.32
C TYR D 196 16.03 -70.11 1.00
N SER D 197 16.76 -69.19 0.37
CA SER D 197 18.07 -68.78 0.87
C SER D 197 18.20 -67.27 0.79
N CYS D 198 19.12 -66.74 1.59
CA CYS D 198 19.40 -65.31 1.65
C CYS D 198 20.82 -65.07 1.15
N GLN D 199 20.97 -64.14 0.21
CA GLN D 199 22.26 -63.84 -0.40
C GLN D 199 22.68 -62.43 -0.01
N VAL D 200 23.85 -62.30 0.60
CA VAL D 200 24.45 -61.02 0.93
C VAL D 200 25.88 -60.99 0.42
N THR D 201 26.23 -59.95 -0.33
CA THR D 201 27.57 -59.77 -0.86
C THR D 201 28.21 -58.56 -0.19
N HIS D 202 29.40 -58.75 0.38
CA HIS D 202 30.12 -57.69 1.07
C HIS D 202 31.60 -57.86 0.80
N GLU D 203 32.21 -56.87 0.13
CA GLU D 203 33.64 -56.81 -0.22
C GLU D 203 34.18 -58.12 -0.80
N GLY D 204 33.32 -58.85 -1.50
CA GLY D 204 33.70 -60.12 -2.08
C GLY D 204 33.48 -61.33 -1.19
N SER D 205 33.10 -61.12 0.07
CA SER D 205 32.83 -62.23 0.99
C SER D 205 31.34 -62.55 0.93
N THR D 206 31.02 -63.75 0.47
CA THR D 206 29.64 -64.19 0.30
C THR D 206 29.36 -65.36 1.25
N VAL D 207 28.26 -65.27 1.98
CA VAL D 207 27.82 -66.32 2.90
C VAL D 207 26.43 -66.77 2.50
N GLU D 208 26.15 -68.06 2.64
CA GLU D 208 24.89 -68.65 2.22
C GLU D 208 24.25 -69.37 3.40
N LYS D 209 22.97 -69.10 3.65
CA LYS D 209 22.19 -69.79 4.66
C LYS D 209 20.87 -70.22 4.04
N THR D 210 20.53 -71.49 4.20
CA THR D 210 19.34 -72.07 3.59
C THR D 210 18.48 -72.72 4.65
N VAL D 211 17.20 -72.37 4.67
CA VAL D 211 16.24 -72.96 5.60
C VAL D 211 15.40 -73.98 4.84
N ALA D 212 14.84 -74.93 5.58
CA ALA D 212 14.01 -75.99 5.01
C ALA D 212 12.61 -75.93 5.61
N PRO D 213 11.59 -75.54 4.84
CA PRO D 213 10.22 -75.55 5.39
C PRO D 213 9.73 -76.92 5.78
N THR D 214 10.15 -77.97 5.07
CA THR D 214 9.70 -79.32 5.37
C THR D 214 10.88 -80.20 5.80
#